data_3BHV
#
_entry.id   3BHV
#
_cell.length_a   74.160
_cell.length_b   133.968
_cell.length_c   147.879
_cell.angle_alpha   90.000
_cell.angle_beta   90.000
_cell.angle_gamma   90.000
#
_symmetry.space_group_name_H-M   'P 21 21 21'
#
loop_
_entity.id
_entity.type
_entity.pdbx_description
1 polymer 'Cell division protein kinase 2'
2 polymer Cyclin-A2
3 non-polymer "9-amino-5-(2-aminopyrimidin-4-yl)pyrido[3',2':4,5]pyrrolo[1,2-c]pyrimidin-4-ol"
4 non-polymer 'MAGNESIUM ION'
5 non-polymer MONOTHIOGLYCEROL
6 water water
#
loop_
_entity_poly.entity_id
_entity_poly.type
_entity_poly.pdbx_seq_one_letter_code
_entity_poly.pdbx_strand_id
1 'polypeptide(L)'
;GSMENFQKVEKIGEGTYGVVYKARNKLTGEVVALKKIRLDTETEGVPSTAIREISLLKELNHPNIVKLLDVIHTENKLYL
VFEFLHQDLKKFMDASALTGIPLPLIKSYLFQLLQGLAFCHSHRVLHRDLKPQNLLINTEGAIKLADFGLARAFGVPVRT
Y(TPO)HEVVTLWYRAPEILLGCKYYSTAVDIWSLGCIFAEMVTRRALFPGDSEIDQLFRIFRTLGTPDEVVWPGVTSMP
DYKPSFPKWARQDFSKVVPPLDEDGRSLLSQMLHYDPNKRISAKAALAHPFFQDVTKPVPHLRL
;
A,C
2 'polypeptide(L)'
;SVNEVPDYHEDIHTYLREMEVKCKPKVGYMKKQPDITNSMRAILVDWLVEVGEEYKLQNETLHLAVNYIDRFLSSMSVLR
GKLQLVGTAAMLLASKFEEIYPPEVAEFVYITDDTYTKKQVLRMEHLVLKVLAFDLAAPTINQFLTQYFLHQQPANCKVE
SLAMFLGELSLIDADPYLKYLPSVIAAAAFHLALYTVTGQSWPESLVQKTGYTLETLKPCLLDLHQTYLRAPQHAQQSIR
EKYKNSKYHGVSLLNPPETLNV
;
B,D
#
loop_
_chem_comp.id
_chem_comp.type
_chem_comp.name
_chem_comp.formula
MG non-polymer 'MAGNESIUM ION' 'Mg 2'
SGM non-polymer MONOTHIOGLYCEROL 'C3 H8 O2 S'
VAR non-polymer 9-amino-5-(2-aminopyrimidin-4-yl)pyrido[3',2':4,5]pyrrolo[1,2-c]pyrimidin-4-ol 'C14 H11 N7 O'
#
# COMPACT_ATOMS: atom_id res chain seq x y z
N GLY A 1 6.05 -6.59 10.66
CA GLY A 1 6.43 -7.08 11.98
C GLY A 1 5.47 -8.08 12.60
N SER A 2 5.89 -8.73 13.69
CA SER A 2 7.21 -8.58 14.33
C SER A 2 7.18 -9.20 15.72
N MET A 3 7.71 -8.46 16.70
CA MET A 3 7.79 -8.84 18.14
C MET A 3 8.99 -9.71 18.50
N GLU A 4 9.15 -10.83 17.80
CA GLU A 4 10.27 -11.72 18.06
C GLU A 4 11.61 -11.08 17.67
N ASN A 5 11.57 -10.11 16.76
CA ASN A 5 12.78 -9.37 16.38
C ASN A 5 13.13 -8.18 17.28
N PHE A 6 12.26 -7.88 18.24
CA PHE A 6 12.52 -6.79 19.18
C PHE A 6 13.05 -7.25 20.54
N GLN A 7 14.12 -6.58 20.97
CA GLN A 7 14.71 -6.80 22.28
C GLN A 7 14.41 -5.58 23.15
N LYS A 8 13.51 -5.75 24.12
CA LYS A 8 13.18 -4.66 25.05
C LYS A 8 14.38 -4.26 25.89
N VAL A 9 14.59 -2.97 26.05
CA VAL A 9 15.78 -2.45 26.74
C VAL A 9 15.39 -1.96 28.14
N GLU A 10 14.40 -1.07 28.19
CA GLU A 10 13.90 -0.55 29.46
C GLU A 10 12.52 0.05 29.25
N LYS A 11 11.76 0.19 30.33
CA LYS A 11 10.51 0.94 30.34
C LYS A 11 10.90 2.41 30.35
N ILE A 12 10.29 3.19 29.44
CA ILE A 12 10.54 4.62 29.36
C ILE A 12 9.35 5.53 29.69
N GLY A 13 8.15 4.95 29.77
CA GLY A 13 6.97 5.76 30.09
C GLY A 13 5.64 5.04 30.20
N GLU A 14 4.59 5.84 30.38
CA GLU A 14 3.24 5.42 30.76
C GLU A 14 2.41 6.73 30.76
N GLY A 15 1.13 6.68 30.36
N GLY A 15 1.10 6.69 30.50
CA GLY A 15 0.48 5.50 29.78
CA GLY A 15 0.29 5.49 30.37
C GLY A 15 -0.95 5.27 30.23
C GLY A 15 -1.15 5.87 30.70
N THR A 16 -1.91 5.86 29.52
N THR A 16 -2.08 5.15 30.09
CA THR A 16 -3.34 5.66 29.81
CA THR A 16 -3.50 5.48 30.15
C THR A 16 -3.77 4.23 29.48
C THR A 16 -4.00 4.89 28.86
N TYR A 17 -3.78 3.91 28.18
N TYR A 17 -3.15 5.03 27.84
CA TYR A 17 -4.11 2.57 27.73
CA TYR A 17 -3.18 4.22 26.63
C TYR A 17 -2.87 1.68 27.64
C TYR A 17 -2.51 2.89 26.93
N GLY A 18 -1.78 2.13 28.22
N GLY A 18 -1.41 2.96 27.67
CA GLY A 18 -0.61 1.26 28.37
CA GLY A 18 -0.59 1.79 28.01
C GLY A 18 0.75 1.88 28.66
C GLY A 18 0.85 2.16 28.37
N VAL A 19 1.77 1.22 28.16
CA VAL A 19 3.18 1.39 28.58
C VAL A 19 4.10 1.61 27.37
N VAL A 20 5.16 2.41 27.54
CA VAL A 20 6.15 2.63 26.48
C VAL A 20 7.52 2.08 26.87
N TYR A 21 8.08 1.24 25.99
CA TYR A 21 9.40 0.67 26.16
C TYR A 21 10.37 1.19 25.09
N LYS A 22 11.61 1.40 25.50
CA LYS A 22 12.72 1.44 24.55
C LYS A 22 13.07 0.01 24.18
N ALA A 23 13.24 -0.24 22.87
CA ALA A 23 13.56 -1.57 22.37
C ALA A 23 14.49 -1.46 21.18
N ARG A 24 15.13 -2.56 20.79
CA ARG A 24 15.90 -2.57 19.56
C ARG A 24 15.58 -3.72 18.62
N ASN A 25 15.55 -3.40 17.33
CA ASN A 25 15.42 -4.40 16.28
C ASN A 25 16.72 -5.21 16.29
N LYS A 26 16.62 -6.51 16.56
CA LYS A 26 17.80 -7.36 16.66
C LYS A 26 18.52 -7.60 15.34
N LEU A 27 17.77 -7.48 14.24
CA LEU A 27 18.30 -7.71 12.90
C LEU A 27 18.86 -6.47 12.19
N THR A 28 18.18 -5.33 12.33
CA THR A 28 18.62 -4.08 11.66
C THR A 28 19.40 -3.14 12.58
N GLY A 29 19.31 -3.37 13.88
CA GLY A 29 19.94 -2.50 14.89
C GLY A 29 19.08 -1.34 15.32
N GLU A 30 17.97 -1.10 14.61
CA GLU A 30 17.18 0.10 14.83
C GLU A 30 16.59 0.17 16.24
N VAL A 31 16.85 1.29 16.91
CA VAL A 31 16.27 1.55 18.21
C VAL A 31 14.87 2.15 18.03
N VAL A 32 13.91 1.61 18.79
CA VAL A 32 12.51 2.03 18.64
C VAL A 32 11.87 2.29 20.00
N ALA A 33 10.73 2.98 19.97
CA ALA A 33 9.85 3.02 21.11
C ALA A 33 8.62 2.16 20.80
N LEU A 34 8.32 1.25 21.72
CA LEU A 34 7.17 0.36 21.62
C LEU A 34 6.10 0.83 22.58
N LYS A 35 4.99 1.25 22.02
CA LYS A 35 3.84 1.67 22.81
C LYS A 35 2.84 0.51 22.82
N LYS A 36 2.68 -0.09 23.99
CA LYS A 36 1.82 -1.23 24.17
C LYS A 36 0.44 -0.72 24.53
N ILE A 37 -0.57 -1.19 23.81
CA ILE A 37 -1.95 -0.86 24.08
C ILE A 37 -2.70 -2.13 24.52
N ARG A 38 -3.12 -2.15 25.78
CA ARG A 38 -3.84 -3.29 26.36
C ARG A 38 -5.23 -3.44 25.73
N LEU A 39 -5.59 -4.65 25.33
CA LEU A 39 -6.87 -4.88 24.66
C LEU A 39 -7.96 -5.51 25.53
N ASP A 40 -9.18 -4.95 25.41
CA ASP A 40 -10.38 -5.33 26.18
C ASP A 40 -10.32 -5.00 27.68
N THR A 43 -13.63 -4.47 27.56
CA THR A 43 -14.65 -5.12 26.75
C THR A 43 -15.27 -4.19 25.69
N GLU A 44 -14.56 -3.12 25.35
CA GLU A 44 -15.07 -2.24 24.31
C GLU A 44 -14.27 -2.40 23.02
N GLY A 45 -13.37 -3.38 23.01
CA GLY A 45 -12.53 -3.66 21.85
C GLY A 45 -11.36 -2.70 21.75
N VAL A 46 -10.97 -2.34 20.52
CA VAL A 46 -9.85 -1.41 20.35
C VAL A 46 -10.22 0.02 20.78
N PRO A 47 -9.47 0.60 21.73
CA PRO A 47 -9.79 1.98 22.17
C PRO A 47 -9.86 2.95 21.00
N SER A 48 -10.81 3.88 21.05
CA SER A 48 -10.94 4.89 20.01
C SER A 48 -9.69 5.77 19.96
N THR A 49 -9.02 5.97 21.10
CA THR A 49 -7.78 6.75 21.12
C THR A 49 -6.68 6.07 20.31
N ALA A 50 -6.57 4.74 20.42
CA ALA A 50 -5.61 3.97 19.62
C ALA A 50 -6.00 3.96 18.13
N ILE A 51 -7.29 3.85 17.86
CA ILE A 51 -7.76 3.88 16.46
C ILE A 51 -7.39 5.20 15.77
N ARG A 52 -7.65 6.32 16.46
CA ARG A 52 -7.25 7.64 15.97
C ARG A 52 -5.74 7.81 15.86
N GLU A 53 -4.99 7.41 16.89
CA GLU A 53 -3.54 7.63 16.86
C GLU A 53 -2.91 6.91 15.67
N ILE A 54 -3.30 5.66 15.46
CA ILE A 54 -2.74 4.85 14.40
C ILE A 54 -3.18 5.38 13.04
N SER A 55 -4.49 5.52 12.82
CA SER A 55 -4.99 5.94 11.50
C SER A 55 -4.47 7.31 11.13
N LEU A 56 -4.42 8.21 12.11
CA LEU A 56 -3.95 9.56 11.82
C LEU A 56 -2.45 9.61 11.53
N LEU A 57 -1.66 8.82 12.25
CA LEU A 57 -0.21 8.80 12.05
C LEU A 57 0.24 8.07 10.76
N LYS A 58 -0.61 7.19 10.23
CA LYS A 58 -0.34 6.48 8.96
C LYS A 58 -0.11 7.45 7.81
N GLU A 59 -0.84 8.56 7.83
CA GLU A 59 -0.79 9.60 6.83
C GLU A 59 0.29 10.66 7.06
N LEU A 60 0.72 10.82 8.32
CA LEU A 60 1.54 11.95 8.72
C LEU A 60 3.02 11.63 8.70
N ASN A 61 3.60 11.65 7.52
CA ASN A 61 5.04 11.42 7.39
CA ASN A 61 5.04 11.42 7.38
C ASN A 61 5.74 12.76 7.25
N HIS A 62 6.43 13.17 8.31
CA HIS A 62 7.09 14.46 8.28
C HIS A 62 8.27 14.40 9.27
N PRO A 63 9.39 15.11 8.98
CA PRO A 63 10.55 15.10 9.90
C PRO A 63 10.27 15.58 11.32
N ASN A 64 9.19 16.33 11.53
CA ASN A 64 8.86 16.87 12.85
C ASN A 64 7.59 16.28 13.45
N ILE A 65 7.25 15.08 12.98
CA ILE A 65 6.19 14.26 13.55
C ILE A 65 6.80 12.88 13.82
N VAL A 66 6.65 12.37 15.05
CA VAL A 66 7.20 11.05 15.36
C VAL A 66 6.65 10.02 14.38
N LYS A 67 7.55 9.21 13.83
CA LYS A 67 7.18 8.25 12.78
C LYS A 67 6.67 6.96 13.37
N LEU A 68 5.45 6.60 12.99
CA LEU A 68 4.92 5.26 13.27
C LEU A 68 5.51 4.28 12.26
N LEU A 69 6.34 3.35 12.74
CA LEU A 69 7.04 2.40 11.85
C LEU A 69 6.23 1.15 11.51
N ASP A 70 5.47 0.67 12.48
CA ASP A 70 4.73 -0.57 12.33
C ASP A 70 3.67 -0.66 13.40
N VAL A 71 2.70 -1.54 13.16
CA VAL A 71 1.67 -1.87 14.11
C VAL A 71 1.65 -3.40 14.24
N ILE A 72 1.91 -3.90 15.44
CA ILE A 72 1.90 -5.35 15.70
C ILE A 72 0.60 -5.68 16.39
N HIS A 73 -0.24 -6.36 15.63
CA HIS A 73 -1.66 -6.42 15.90
C HIS A 73 -2.08 -7.85 16.15
N THR A 74 -2.42 -8.16 17.40
CA THR A 74 -2.80 -9.52 17.78
C THR A 74 -4.07 -9.51 18.65
N GLU A 75 -4.47 -10.70 19.14
CA GLU A 75 -5.70 -10.88 19.90
C GLU A 75 -5.79 -10.01 21.17
N ASN A 76 -4.78 -10.13 22.04
CA ASN A 76 -4.83 -9.44 23.33
C ASN A 76 -3.86 -8.27 23.49
N LYS A 77 -3.01 -8.06 22.48
CA LYS A 77 -2.09 -6.93 22.51
C LYS A 77 -1.94 -6.17 21.19
N LEU A 78 -1.75 -4.86 21.32
CA LEU A 78 -1.46 -4.00 20.19
C LEU A 78 -0.20 -3.21 20.52
N TYR A 79 0.82 -3.36 19.67
CA TYR A 79 2.08 -2.62 19.80
C TYR A 79 2.21 -1.60 18.67
N LEU A 80 2.42 -0.35 19.04
CA LEU A 80 2.79 0.66 18.06
C LEU A 80 4.30 0.81 18.13
N VAL A 81 4.96 0.64 16.99
CA VAL A 81 6.41 0.78 16.90
C VAL A 81 6.74 2.16 16.31
N PHE A 82 7.40 2.98 17.11
CA PHE A 82 7.76 4.34 16.73
C PHE A 82 9.28 4.43 16.62
N GLU A 83 9.79 5.35 15.79
CA GLU A 83 11.18 5.77 15.88
C GLU A 83 11.50 6.20 17.31
N PHE A 84 12.71 5.88 17.80
CA PHE A 84 13.10 6.26 19.16
C PHE A 84 13.61 7.71 19.23
N LEU A 85 13.10 8.46 20.19
CA LEU A 85 13.62 9.78 20.49
C LEU A 85 14.06 9.80 21.96
N HIS A 86 15.11 10.55 22.25
CA HIS A 86 15.88 10.40 23.49
C HIS A 86 15.25 11.02 24.71
N GLN A 87 14.59 12.16 24.54
CA GLN A 87 13.82 12.68 25.64
C GLN A 87 12.75 13.67 25.22
N ASP A 88 11.96 14.09 26.20
CA ASP A 88 10.90 15.06 25.97
C ASP A 88 11.38 16.45 26.36
N LEU A 89 10.75 17.46 25.77
CA LEU A 89 11.12 18.84 26.01
C LEU A 89 11.06 19.25 27.49
N LYS A 90 10.08 18.73 28.21
CA LYS A 90 9.93 19.04 29.63
C LYS A 90 11.19 18.65 30.42
N LYS A 91 11.66 17.43 30.21
CA LYS A 91 12.89 16.94 30.87
C LYS A 91 14.12 17.71 30.40
N PHE A 92 14.13 18.10 29.13
CA PHE A 92 15.19 18.97 28.62
C PHE A 92 15.21 20.34 29.30
N MET A 93 14.03 20.94 29.46
CA MET A 93 13.93 22.23 30.19
C MET A 93 14.40 22.12 31.64
N ASP A 94 14.04 21.04 32.33
CA ASP A 94 14.47 20.79 33.71
C ASP A 94 15.99 20.63 33.77
N ALA A 95 16.55 19.83 32.85
CA ALA A 95 18.00 19.66 32.74
C ALA A 95 18.76 20.95 32.37
N SER A 96 18.07 21.90 31.73
CA SER A 96 18.65 23.20 31.36
C SER A 96 18.46 24.28 32.44
N ALA A 97 17.98 23.87 33.62
CA ALA A 97 17.62 24.76 34.73
C ALA A 97 18.53 25.96 34.97
N LEU A 98 19.85 25.71 35.02
CA LEU A 98 20.80 26.76 35.40
C LEU A 98 21.45 27.49 34.23
N THR A 99 21.58 26.79 33.10
CA THR A 99 22.10 27.41 31.88
C THR A 99 20.99 28.25 31.25
N GLY A 100 19.78 27.67 31.24
CA GLY A 100 18.72 28.11 30.34
C GLY A 100 18.98 27.42 29.01
N ILE A 101 18.03 27.56 28.08
CA ILE A 101 18.18 27.01 26.73
C ILE A 101 18.72 28.12 25.81
N PRO A 102 19.83 27.85 25.10
CA PRO A 102 20.36 28.88 24.21
C PRO A 102 19.30 29.29 23.18
N LEU A 103 19.27 30.58 22.88
CA LEU A 103 18.28 31.12 21.97
C LEU A 103 18.24 30.39 20.62
N PRO A 104 19.42 30.10 20.00
CA PRO A 104 19.40 29.38 18.72
C PRO A 104 18.69 28.03 18.79
N LEU A 105 18.74 27.37 19.95
CA LEU A 105 18.02 26.10 20.13
C LEU A 105 16.50 26.31 20.30
N ILE A 106 16.11 27.29 21.10
CA ILE A 106 14.70 27.64 21.30
C ILE A 106 14.08 28.01 19.93
N LYS A 107 14.82 28.79 19.15
CA LYS A 107 14.37 29.27 17.86
C LYS A 107 14.25 28.12 16.87
N SER A 108 15.25 27.24 16.86
CA SER A 108 15.24 26.02 16.07
C SER A 108 14.05 25.12 16.41
N TYR A 109 13.81 24.92 17.70
CA TYR A 109 12.72 24.05 18.15
C TYR A 109 11.35 24.61 17.81
N LEU A 110 11.14 25.90 18.06
CA LEU A 110 9.88 26.53 17.67
C LEU A 110 9.63 26.39 16.15
N PHE A 111 10.67 26.62 15.36
CA PHE A 111 10.56 26.56 13.88
C PHE A 111 10.14 25.16 13.46
N GLN A 112 10.77 24.16 14.05
CA GLN A 112 10.46 22.76 13.75
C GLN A 112 9.06 22.39 14.19
N LEU A 113 8.64 22.88 15.37
CA LEU A 113 7.28 22.60 15.87
C LEU A 113 6.23 23.18 14.95
N LEU A 114 6.46 24.42 14.52
CA LEU A 114 5.56 25.06 13.53
C LEU A 114 5.50 24.33 12.21
N GLN A 115 6.64 23.85 11.71
CA GLN A 115 6.66 22.98 10.52
C GLN A 115 5.78 21.72 10.69
N GLY A 116 5.99 21.02 11.82
CA GLY A 116 5.29 19.79 12.13
C GLY A 116 3.79 20.05 12.26
N LEU A 117 3.45 21.14 12.93
CA LEU A 117 2.05 21.51 13.13
C LEU A 117 1.34 21.92 11.83
N ALA A 118 2.01 22.75 11.01
CA ALA A 118 1.44 23.18 9.75
C ALA A 118 1.16 21.97 8.86
N PHE A 119 2.03 20.97 8.95
CA PHE A 119 1.85 19.74 8.20
C PHE A 119 0.60 19.02 8.69
N CYS A 120 0.42 18.94 10.01
CA CYS A 120 -0.82 18.37 10.58
C CYS A 120 -2.04 19.09 10.06
N HIS A 121 -2.03 20.42 10.17
CA HIS A 121 -3.20 21.20 9.79
C HIS A 121 -3.50 21.12 8.27
N SER A 122 -2.45 21.07 7.45
CA SER A 122 -2.60 20.89 6.00
C SER A 122 -3.17 19.50 5.64
N HIS A 123 -3.11 18.59 6.60
CA HIS A 123 -3.66 17.25 6.44
C HIS A 123 -4.89 17.03 7.32
N ARG A 124 -5.56 18.13 7.64
CA ARG A 124 -6.79 18.15 8.43
C ARG A 124 -6.72 17.37 9.78
N VAL A 125 -5.62 17.54 10.49
CA VAL A 125 -5.45 16.89 11.81
C VAL A 125 -5.19 17.98 12.86
N LEU A 126 -6.03 17.98 13.89
CA LEU A 126 -5.78 18.80 15.09
C LEU A 126 -5.06 17.92 16.07
N HIS A 127 -3.99 18.42 16.69
CA HIS A 127 -3.26 17.63 17.67
C HIS A 127 -3.97 17.62 19.03
N ARG A 128 -4.30 18.81 19.54
CA ARG A 128 -5.15 18.99 20.73
C ARG A 128 -4.54 18.54 22.06
N ASP A 129 -3.23 18.28 22.09
CA ASP A 129 -2.55 18.12 23.38
C ASP A 129 -1.06 18.46 23.31
N LEU A 130 -0.74 19.62 22.72
CA LEU A 130 0.64 20.07 22.62
C LEU A 130 1.05 20.65 23.97
N LYS A 131 1.98 19.96 24.62
CA LYS A 131 2.53 20.35 25.92
C LYS A 131 3.95 19.79 25.85
N PRO A 132 4.88 20.31 26.68
CA PRO A 132 6.27 19.92 26.47
C PRO A 132 6.53 18.42 26.57
N GLN A 133 5.70 17.72 27.36
CA GLN A 133 5.80 16.27 27.50
C GLN A 133 5.54 15.48 26.23
N ASN A 134 4.81 16.05 25.28
CA ASN A 134 4.49 15.38 24.02
C ASN A 134 5.39 15.81 22.86
N LEU A 135 6.44 16.55 23.18
CA LEU A 135 7.37 17.08 22.19
C LEU A 135 8.71 16.43 22.45
N LEU A 136 9.13 15.56 21.54
CA LEU A 136 10.29 14.70 21.77
C LEU A 136 11.52 15.16 21.00
N ILE A 137 12.69 15.07 21.62
CA ILE A 137 13.92 15.55 21.01
C ILE A 137 14.94 14.44 20.85
N ASN A 138 15.76 14.55 19.81
CA ASN A 138 16.85 13.61 19.61
C ASN A 138 18.22 14.31 19.74
N THR A 139 19.28 13.55 19.57
CA THR A 139 20.63 14.06 19.75
C THR A 139 21.14 14.85 18.54
N GLU A 140 20.43 14.78 17.42
CA GLU A 140 20.81 15.52 16.22
C GLU A 140 20.14 16.91 16.08
N GLY A 141 19.26 17.27 17.02
CA GLY A 141 18.70 18.63 17.04
C GLY A 141 17.26 18.71 16.55
N ALA A 142 16.68 17.56 16.23
CA ALA A 142 15.29 17.47 15.85
C ALA A 142 14.37 17.58 17.08
N ILE A 143 13.19 18.16 16.90
CA ILE A 143 12.10 18.09 17.87
C ILE A 143 10.87 17.65 17.07
N LYS A 144 10.08 16.75 17.65
CA LYS A 144 8.91 16.16 17.02
C LYS A 144 7.63 16.04 17.84
N LEU A 145 6.49 16.20 17.18
CA LEU A 145 5.20 16.06 17.76
C LEU A 145 4.94 14.59 18.01
N ALA A 146 4.52 14.27 19.21
CA ALA A 146 4.20 12.92 19.59
C ALA A 146 2.86 12.81 20.33
N ASP A 147 2.45 11.57 20.54
CA ASP A 147 1.17 11.25 21.15
C ASP A 147 -0.05 11.90 20.48
N PHE A 148 -0.56 11.24 19.46
CA PHE A 148 -1.78 11.64 18.71
C PHE A 148 -3.06 10.92 19.18
N GLY A 149 -3.01 10.37 20.39
CA GLY A 149 -4.16 9.72 21.03
C GLY A 149 -5.33 10.68 21.18
N LEU A 150 -5.04 11.96 21.37
CA LEU A 150 -6.06 12.98 21.57
C LEU A 150 -6.39 13.79 20.32
N ALA A 151 -5.79 13.40 19.19
CA ALA A 151 -5.94 14.14 17.95
C ALA A 151 -7.26 13.82 17.26
N ARG A 152 -7.58 14.59 16.22
CA ARG A 152 -8.88 14.52 15.53
C ARG A 152 -8.69 14.88 14.06
N ALA A 153 -9.27 14.10 13.16
CA ALA A 153 -9.37 14.49 11.75
C ALA A 153 -10.53 15.46 11.65
N PHE A 154 -10.29 16.64 11.10
CA PHE A 154 -11.36 17.62 11.04
C PHE A 154 -11.92 17.79 9.63
N GLY A 155 -13.07 18.44 9.55
CA GLY A 155 -13.64 18.79 8.26
C GLY A 155 -13.58 20.28 8.07
N VAL A 156 -13.88 20.73 6.86
CA VAL A 156 -13.84 22.15 6.54
C VAL A 156 -15.23 22.57 6.03
N PRO A 157 -15.93 23.48 6.76
CA PRO A 157 -15.55 24.09 8.03
C PRO A 157 -15.72 23.10 9.18
N VAL A 158 -15.08 23.37 10.31
CA VAL A 158 -15.13 22.43 11.45
C VAL A 158 -16.57 22.26 11.97
N ARG A 159 -16.83 21.09 12.57
CA ARG A 159 -18.03 20.79 13.37
C ARG A 159 -17.63 20.90 14.81
N THR A 160 -18.60 20.74 15.71
CA THR A 160 -18.35 20.60 17.16
C THR A 160 -17.68 19.27 17.46
N TYR A 161 -16.55 19.32 18.16
CA TYR A 161 -15.81 18.14 18.60
C TYR A 161 -15.79 18.11 20.12
N TPO A 162 -15.09 17.19 20.69
CA TPO A 162 -15.00 17.06 22.12
CB TPO A 162 -14.11 15.88 22.44
CG2 TPO A 162 -13.95 15.61 23.91
OG1 TPO A 162 -14.46 14.71 21.73
P TPO A 162 -13.60 14.19 20.55
O1P TPO A 162 -12.37 13.79 21.00
O2P TPO A 162 -13.58 15.27 19.68
O3P TPO A 162 -14.36 13.09 20.00
C TPO A 162 -14.60 18.32 22.84
O TPO A 162 -13.64 18.96 22.47
N HIS A 163 -15.36 18.69 23.86
CA HIS A 163 -15.05 19.87 24.65
C HIS A 163 -13.94 19.73 25.68
N GLU A 164 -13.63 18.51 26.07
CA GLU A 164 -12.61 18.31 27.09
C GLU A 164 -11.29 19.05 26.92
N VAL A 165 -10.77 18.85 25.74
CA VAL A 165 -9.60 19.29 25.11
C VAL A 165 -8.45 20.13 25.56
N VAL A 166 -7.28 19.54 25.45
CA VAL A 166 -6.01 20.11 25.75
C VAL A 166 -5.71 20.19 27.27
N THR A 167 -4.54 19.76 27.65
CA THR A 167 -4.11 19.89 29.03
C THR A 167 -4.28 21.35 29.46
N LEU A 168 -4.92 21.55 30.62
CA LEU A 168 -5.37 22.86 31.09
C LEU A 168 -4.39 24.00 30.87
N TRP A 169 -3.13 23.83 31.24
CA TRP A 169 -2.19 24.94 31.15
C TRP A 169 -1.98 25.47 29.73
N TYR A 170 -2.28 24.64 28.73
CA TYR A 170 -1.98 24.94 27.30
C TYR A 170 -3.26 25.15 26.52
N ARG A 171 -4.37 25.18 27.24
CA ARG A 171 -5.73 25.25 26.67
C ARG A 171 -6.14 26.68 26.28
N ALA A 172 -6.65 26.80 25.06
CA ALA A 172 -6.97 28.08 24.45
C ALA A 172 -8.24 28.70 25.05
N PRO A 173 -8.30 30.05 25.10
CA PRO A 173 -9.45 30.72 25.73
C PRO A 173 -10.80 30.39 25.07
N GLU A 174 -10.81 30.09 23.78
CA GLU A 174 -12.07 29.73 23.14
C GLU A 174 -12.59 28.35 23.59
N ILE A 175 -11.70 27.44 24.04
CA ILE A 175 -12.16 26.19 24.67
C ILE A 175 -12.71 26.49 26.07
N LEU A 176 -11.94 27.26 26.85
CA LEU A 176 -12.32 27.63 28.20
C LEU A 176 -13.64 28.42 28.22
N LEU A 177 -13.88 29.24 27.20
CA LEU A 177 -15.15 29.98 27.14
C LEU A 177 -16.30 29.24 26.46
N GLY A 178 -16.10 27.96 26.15
CA GLY A 178 -17.18 27.09 25.67
C GLY A 178 -17.69 27.32 24.26
N CYS A 179 -16.86 27.89 23.38
CA CYS A 179 -17.25 28.14 22.00
CA CYS A 179 -17.28 28.15 22.01
C CYS A 179 -17.71 26.85 21.33
N LYS A 180 -18.79 26.94 20.55
CA LYS A 180 -19.37 25.80 19.84
C LYS A 180 -18.30 25.15 18.93
N TYR A 181 -17.46 26.00 18.35
CA TYR A 181 -16.46 25.52 17.43
C TYR A 181 -15.08 25.97 17.88
N TYR A 182 -14.12 25.09 17.67
CA TYR A 182 -12.73 25.47 17.77
C TYR A 182 -11.99 24.83 16.61
N SER A 183 -10.83 25.37 16.28
CA SER A 183 -10.12 25.00 15.07
C SER A 183 -8.61 24.92 15.28
N THR A 184 -7.88 25.08 14.18
CA THR A 184 -6.42 24.99 14.17
C THR A 184 -5.76 25.95 15.16
N ALA A 185 -6.40 27.11 15.37
CA ALA A 185 -5.93 28.13 16.36
C ALA A 185 -5.69 27.55 17.77
N VAL A 186 -6.40 26.49 18.14
CA VAL A 186 -6.16 25.93 19.50
C VAL A 186 -4.73 25.40 19.62
N ASP A 187 -4.19 24.80 18.57
CA ASP A 187 -2.83 24.25 18.62
C ASP A 187 -1.75 25.34 18.64
N ILE A 188 -2.02 26.43 17.94
CA ILE A 188 -1.12 27.60 17.94
C ILE A 188 -1.04 28.22 19.34
N TRP A 189 -2.20 28.35 19.99
CA TRP A 189 -2.24 28.83 21.37
C TRP A 189 -1.31 27.99 22.24
N SER A 190 -1.47 26.66 22.21
CA SER A 190 -0.54 25.77 22.91
C SER A 190 0.92 26.03 22.58
N LEU A 191 1.27 26.12 21.30
CA LEU A 191 2.66 26.40 20.94
C LEU A 191 3.19 27.76 21.42
N GLY A 192 2.32 28.78 21.47
CA GLY A 192 2.67 30.07 22.09
C GLY A 192 3.03 29.93 23.58
N CYS A 193 2.25 29.15 24.31
CA CYS A 193 2.56 28.81 25.71
C CYS A 193 3.89 28.08 25.82
N ILE A 194 4.15 27.13 24.91
CA ILE A 194 5.43 26.41 24.86
C ILE A 194 6.64 27.31 24.53
N PHE A 195 6.46 28.23 23.58
CA PHE A 195 7.47 29.25 23.24
C PHE A 195 7.88 29.99 24.53
N ALA A 196 6.93 30.63 25.20
CA ALA A 196 7.21 31.35 26.45
C ALA A 196 7.93 30.45 27.45
N GLU A 197 7.47 29.22 27.59
CA GLU A 197 8.02 28.23 28.52
C GLU A 197 9.48 27.83 28.23
N MET A 198 9.83 27.65 26.95
CA MET A 198 11.22 27.42 26.58
C MET A 198 12.12 28.57 27.05
N VAL A 199 11.65 29.81 26.92
CA VAL A 199 12.40 31.00 27.30
C VAL A 199 12.55 31.14 28.85
N THR A 200 11.47 30.86 29.59
CA THR A 200 11.46 31.06 31.05
C THR A 200 11.72 29.76 31.83
N ARG A 201 11.46 28.64 31.17
CA ARG A 201 11.50 27.30 31.78
C ARG A 201 10.41 27.09 32.84
N ARG A 202 9.40 27.95 32.81
CA ARG A 202 8.22 27.79 33.68
C ARG A 202 6.95 28.03 32.85
N ALA A 203 5.87 27.35 33.24
CA ALA A 203 4.61 27.40 32.49
C ALA A 203 4.08 28.81 32.53
N LEU A 204 3.61 29.28 31.38
CA LEU A 204 3.09 30.64 31.23
C LEU A 204 1.81 30.86 32.04
N PHE A 205 0.89 29.90 31.97
CA PHE A 205 -0.42 30.01 32.61
C PHE A 205 -0.72 28.73 33.44
N PRO A 206 -0.10 28.59 34.63
CA PRO A 206 -0.32 27.35 35.36
C PRO A 206 -1.56 27.37 36.28
N GLY A 207 -2.76 27.35 35.71
CA GLY A 207 -3.99 27.38 36.50
C GLY A 207 -4.28 26.02 37.13
N ASP A 208 -5.19 25.99 38.10
CA ASP A 208 -5.60 24.73 38.74
CA ASP A 208 -5.58 24.73 38.72
C ASP A 208 -7.04 24.38 38.48
N SER A 209 -7.73 25.24 37.74
CA SER A 209 -9.13 25.05 37.38
C SER A 209 -9.36 25.87 36.15
N GLU A 210 -10.48 25.65 35.49
CA GLU A 210 -10.82 26.41 34.28
C GLU A 210 -10.91 27.90 34.56
N ILE A 211 -11.53 28.27 35.67
CA ILE A 211 -11.72 29.68 35.96
C ILE A 211 -10.40 30.32 36.36
N ASP A 212 -9.60 29.61 37.14
CA ASP A 212 -8.28 30.03 37.56
C ASP A 212 -7.40 30.21 36.30
N GLN A 213 -7.43 29.24 35.41
CA GLN A 213 -6.75 29.33 34.09
C GLN A 213 -7.15 30.59 33.30
N LEU A 214 -8.45 30.80 33.11
CA LEU A 214 -8.95 32.01 32.46
C LEU A 214 -8.42 33.29 33.10
N PHE A 215 -8.50 33.39 34.43
CA PHE A 215 -8.13 34.63 35.14
C PHE A 215 -6.62 34.90 35.04
N ARG A 216 -5.83 33.84 35.07
CA ARG A 216 -4.40 33.95 34.84
C ARG A 216 -4.08 34.48 33.47
N ILE A 217 -4.81 33.98 32.47
CA ILE A 217 -4.70 34.51 31.10
C ILE A 217 -5.12 35.98 31.03
N PHE A 218 -6.29 36.29 31.59
CA PHE A 218 -6.77 37.69 31.60
C PHE A 218 -5.81 38.67 32.28
N ARG A 219 -5.14 38.24 33.34
CA ARG A 219 -4.19 39.07 34.08
C ARG A 219 -2.90 39.36 33.32
N THR A 220 -2.57 38.49 32.39
CA THR A 220 -1.41 38.67 31.51
C THR A 220 -1.77 39.41 30.24
N LEU A 221 -2.88 39.03 29.60
CA LEU A 221 -3.20 39.53 28.28
C LEU A 221 -4.30 40.60 28.29
N GLY A 222 -4.87 40.87 29.46
CA GLY A 222 -6.02 41.77 29.59
C GLY A 222 -7.27 40.93 29.49
N THR A 223 -8.35 41.35 30.16
CA THR A 223 -9.64 40.71 30.01
C THR A 223 -10.14 41.17 28.64
N PRO A 224 -10.49 40.20 27.75
CA PRO A 224 -10.92 40.56 26.41
C PRO A 224 -12.33 41.15 26.39
N ASP A 225 -12.51 42.17 25.54
CA ASP A 225 -13.81 42.79 25.28
C ASP A 225 -14.18 42.66 23.78
N GLU A 226 -15.28 43.30 23.40
CA GLU A 226 -15.77 43.26 22.02
C GLU A 226 -14.80 43.86 21.00
N VAL A 227 -13.99 44.81 21.45
CA VAL A 227 -12.98 45.43 20.60
C VAL A 227 -11.84 44.47 20.26
N VAL A 228 -11.30 43.80 21.27
CA VAL A 228 -10.17 42.90 21.05
C VAL A 228 -10.66 41.59 20.44
N TRP A 229 -11.87 41.18 20.79
CA TRP A 229 -12.37 39.86 20.41
C TRP A 229 -13.87 39.91 20.15
N PRO A 230 -14.28 40.30 18.93
CA PRO A 230 -15.71 40.36 18.59
C PRO A 230 -16.43 39.06 18.93
N GLY A 231 -17.53 39.19 19.64
CA GLY A 231 -18.30 38.05 20.04
C GLY A 231 -17.97 37.47 21.41
N VAL A 232 -16.85 37.83 21.98
CA VAL A 232 -16.47 37.29 23.27
C VAL A 232 -17.52 37.28 24.38
N THR A 233 -18.29 38.37 24.47
CA THR A 233 -19.30 38.54 25.49
C THR A 233 -20.56 37.74 25.31
N SER A 234 -20.68 37.07 24.18
CA SER A 234 -21.82 36.22 23.87
C SER A 234 -21.47 34.76 24.01
N MET A 235 -20.20 34.47 24.31
CA MET A 235 -19.76 33.09 24.48
C MET A 235 -20.41 32.43 25.70
N PRO A 236 -20.73 31.12 25.60
CA PRO A 236 -21.47 30.41 26.64
C PRO A 236 -20.96 30.63 28.06
N ASP A 237 -19.64 30.57 28.26
CA ASP A 237 -19.10 30.62 29.61
C ASP A 237 -18.45 31.96 29.92
N TYR A 238 -18.74 32.95 29.09
CA TYR A 238 -18.36 34.31 29.41
C TYR A 238 -19.36 34.85 30.45
N LYS A 239 -18.84 35.54 31.46
CA LYS A 239 -19.70 36.17 32.48
C LYS A 239 -19.40 37.65 32.54
N PRO A 240 -20.46 38.49 32.52
CA PRO A 240 -20.29 39.95 32.69
C PRO A 240 -19.54 40.32 33.97
N SER A 241 -19.64 39.49 35.02
CA SER A 241 -18.93 39.70 36.29
C SER A 241 -17.39 39.49 36.27
N PHE A 242 -16.85 38.93 35.18
CA PHE A 242 -15.40 38.72 35.04
C PHE A 242 -14.69 40.01 35.40
N PRO A 243 -13.66 39.94 36.28
CA PRO A 243 -12.85 41.14 36.52
C PRO A 243 -12.23 41.66 35.21
N LYS A 244 -12.14 42.98 35.07
CA LYS A 244 -11.58 43.54 33.84
C LYS A 244 -10.15 44.00 34.05
N TRP A 245 -9.21 43.08 33.83
CA TRP A 245 -7.80 43.37 34.01
C TRP A 245 -7.22 44.09 32.80
N ALA A 246 -6.30 45.01 33.07
CA ALA A 246 -5.64 45.74 32.00
C ALA A 246 -4.58 44.84 31.38
N ARG A 247 -4.34 45.06 30.09
CA ARG A 247 -3.34 44.33 29.35
C ARG A 247 -1.96 44.82 29.76
N GLN A 248 -1.09 43.87 30.06
CA GLN A 248 0.30 44.16 30.41
C GLN A 248 1.06 44.62 29.19
N ASP A 249 1.99 45.54 29.42
CA ASP A 249 3.08 45.75 28.47
C ASP A 249 3.65 44.36 28.17
N PHE A 250 3.64 43.99 26.91
CA PHE A 250 4.05 42.65 26.50
C PHE A 250 5.52 42.27 26.75
N SER A 251 6.40 43.26 26.84
CA SER A 251 7.79 43.03 27.19
C SER A 251 7.97 42.54 28.64
N LYS A 252 6.90 42.69 29.42
CA LYS A 252 6.88 42.26 30.80
C LYS A 252 6.40 40.81 30.94
N VAL A 253 5.74 40.28 29.91
CA VAL A 253 5.32 38.88 29.93
C VAL A 253 6.49 37.91 29.86
N VAL A 254 7.39 38.16 28.91
CA VAL A 254 8.59 37.35 28.77
C VAL A 254 9.76 38.34 28.61
N PRO A 255 10.25 38.88 29.76
CA PRO A 255 11.27 39.95 29.75
C PRO A 255 12.53 39.71 28.90
N PRO A 256 13.11 38.49 28.91
CA PRO A 256 14.33 38.37 28.10
C PRO A 256 14.13 38.25 26.58
N LEU A 257 12.87 38.28 26.12
CA LEU A 257 12.56 38.15 24.69
C LEU A 257 12.76 39.45 23.90
N ASP A 258 13.42 39.32 22.75
CA ASP A 258 13.74 40.42 21.83
C ASP A 258 12.48 40.87 21.10
N GLU A 259 12.57 41.97 20.34
CA GLU A 259 11.40 42.52 19.63
C GLU A 259 10.69 41.55 18.68
N ASP A 260 11.48 40.81 17.91
CA ASP A 260 10.92 39.84 16.97
C ASP A 260 10.23 38.69 17.68
N GLY A 261 10.86 38.18 18.74
CA GLY A 261 10.28 37.13 19.61
C GLY A 261 8.93 37.55 20.18
N ARG A 262 8.87 38.78 20.68
CA ARG A 262 7.65 39.30 21.31
C ARG A 262 6.55 39.49 20.29
N SER A 263 6.91 39.97 19.11
CA SER A 263 5.95 40.07 18.03
C SER A 263 5.32 38.70 17.72
N LEU A 264 6.13 37.69 17.47
CA LEU A 264 5.60 36.35 17.16
C LEU A 264 4.76 35.83 18.33
N LEU A 265 5.30 35.90 19.55
CA LEU A 265 4.53 35.41 20.70
C LEU A 265 3.17 36.10 20.75
N SER A 266 3.15 37.42 20.60
CA SER A 266 1.88 38.16 20.67
C SER A 266 0.87 37.68 19.62
N GLN A 267 1.37 37.27 18.45
CA GLN A 267 0.49 36.80 17.39
C GLN A 267 -0.03 35.38 17.61
N MET A 268 0.79 34.56 18.27
CA MET A 268 0.34 33.23 18.69
C MET A 268 -0.67 33.27 19.86
N LEU A 269 -0.61 34.32 20.67
CA LEU A 269 -1.48 34.44 21.84
C LEU A 269 -2.61 35.44 21.65
N HIS A 270 -2.90 35.76 20.40
CA HIS A 270 -4.03 36.63 20.09
C HIS A 270 -5.31 35.97 20.60
N TYR A 271 -6.17 36.76 21.26
CA TYR A 271 -7.42 36.23 21.79
C TYR A 271 -8.35 35.66 20.74
N ASP A 272 -8.51 36.45 19.66
CA ASP A 272 -9.47 36.12 18.63
C ASP A 272 -8.86 35.01 17.76
N PRO A 273 -9.48 33.81 17.74
CA PRO A 273 -8.95 32.68 16.97
C PRO A 273 -8.83 33.01 15.47
N ASN A 274 -9.71 33.88 14.97
CA ASN A 274 -9.68 34.38 13.59
C ASN A 274 -8.45 35.22 13.24
N LYS A 275 -7.86 35.87 14.25
CA LYS A 275 -6.69 36.74 14.05
C LYS A 275 -5.38 36.11 14.49
N ARG A 276 -5.46 35.07 15.31
CA ARG A 276 -4.28 34.37 15.79
C ARG A 276 -3.48 33.84 14.56
N ILE A 277 -2.15 33.92 14.63
CA ILE A 277 -1.31 33.55 13.49
C ILE A 277 -1.44 32.03 13.20
N SER A 278 -1.36 31.63 11.94
CA SER A 278 -1.34 30.19 11.59
C SER A 278 0.09 29.65 11.65
N ALA A 279 0.26 28.33 11.79
CA ALA A 279 1.62 27.78 11.77
C ALA A 279 2.34 28.09 10.46
N LYS A 280 1.59 28.03 9.35
CA LYS A 280 2.15 28.26 8.02
C LYS A 280 2.68 29.69 7.93
N ALA A 281 1.87 30.66 8.34
CA ALA A 281 2.31 32.09 8.30
C ALA A 281 3.48 32.41 9.26
N ALA A 282 3.47 31.76 10.42
CA ALA A 282 4.49 31.94 11.44
C ALA A 282 5.91 31.57 10.99
N LEU A 283 5.99 30.58 10.11
CA LEU A 283 7.30 30.16 9.54
C LEU A 283 8.10 31.28 8.86
N ALA A 284 7.38 32.25 8.29
CA ALA A 284 7.92 33.41 7.62
C ALA A 284 8.13 34.61 8.56
N HIS A 285 7.99 34.40 9.87
CA HIS A 285 8.13 35.53 10.81
C HIS A 285 9.59 35.94 10.88
N PRO A 286 9.88 37.26 10.92
CA PRO A 286 11.24 37.80 11.06
C PRO A 286 12.04 37.16 12.18
N PHE A 287 11.37 36.70 13.26
CA PHE A 287 12.07 35.95 14.34
C PHE A 287 12.95 34.83 13.82
N PHE A 288 12.53 34.17 12.73
CA PHE A 288 13.29 33.05 12.20
C PHE A 288 14.33 33.39 11.11
N GLN A 289 14.53 34.68 10.82
CA GLN A 289 15.49 35.10 9.77
C GLN A 289 16.85 34.43 9.85
N ASP A 290 17.33 34.19 11.07
CA ASP A 290 18.64 33.59 11.29
C ASP A 290 18.59 32.19 11.92
N VAL A 291 17.50 31.45 11.71
CA VAL A 291 17.33 30.12 12.34
C VAL A 291 18.34 29.12 11.78
N THR A 292 18.92 28.33 12.67
CA THR A 292 19.76 27.19 12.30
C THR A 292 19.21 25.98 13.07
N LYS A 293 19.81 24.81 12.88
CA LYS A 293 19.36 23.62 13.60
C LYS A 293 20.50 22.97 14.40
N PRO A 294 20.90 23.61 15.51
CA PRO A 294 22.02 23.03 16.25
C PRO A 294 21.59 21.82 17.08
N VAL A 295 22.55 20.95 17.32
CA VAL A 295 22.50 19.87 18.29
C VAL A 295 22.17 20.44 19.70
N PRO A 296 21.47 19.65 20.55
CA PRO A 296 21.26 20.16 21.91
C PRO A 296 22.60 20.33 22.65
N HIS A 297 22.71 21.36 23.45
CA HIS A 297 23.89 21.64 24.21
C HIS A 297 24.22 20.67 25.37
N LEU A 298 23.30 19.79 25.69
CA LEU A 298 23.46 18.86 26.79
C LEU A 298 23.32 17.45 26.34
N ARG A 299 23.91 16.53 27.06
CA ARG A 299 23.82 15.12 26.77
C ARG A 299 22.43 14.65 27.10
N LEU A 300 21.86 13.85 26.23
CA LEU A 300 20.50 13.35 26.39
C LEU A 300 20.45 11.93 26.94
N SER B 1 -13.67 32.91 8.56
CA SER B 1 -12.92 32.83 9.77
C SER B 1 -12.12 31.53 9.96
N VAL B 2 -11.42 31.37 11.08
CA VAL B 2 -10.61 30.17 11.36
C VAL B 2 -11.32 28.83 11.29
N ASN B 3 -12.61 28.85 11.48
CA ASN B 3 -13.45 27.69 11.42
C ASN B 3 -13.50 27.14 10.02
N GLU B 4 -13.26 28.01 9.06
CA GLU B 4 -13.17 27.62 7.64
C GLU B 4 -11.70 27.43 7.20
N VAL B 5 -10.78 27.42 8.17
CA VAL B 5 -9.33 27.26 7.95
C VAL B 5 -8.80 27.86 6.62
N PRO B 6 -8.91 29.20 6.46
CA PRO B 6 -8.47 29.86 5.22
C PRO B 6 -7.03 29.54 4.80
N ASP B 7 -6.13 29.39 5.78
CA ASP B 7 -4.74 29.06 5.48
C ASP B 7 -4.49 27.60 5.08
N TYR B 8 -5.47 26.72 5.20
CA TYR B 8 -5.23 25.29 4.95
C TYR B 8 -6.21 24.62 4.02
N HIS B 9 -7.34 25.28 3.78
CA HIS B 9 -8.46 24.79 2.97
CA HIS B 9 -8.42 24.65 3.04
C HIS B 9 -8.00 24.16 1.65
N GLU B 10 -7.16 24.91 0.92
CA GLU B 10 -6.68 24.45 -0.41
C GLU B 10 -5.77 23.23 -0.26
N ASP B 11 -4.84 23.25 0.70
CA ASP B 11 -3.99 22.09 0.97
C ASP B 11 -4.83 20.85 1.31
N ILE B 12 -5.84 21.06 2.16
CA ILE B 12 -6.71 19.97 2.60
C ILE B 12 -7.48 19.38 1.43
N HIS B 13 -8.09 20.24 0.63
CA HIS B 13 -8.81 19.77 -0.55
C HIS B 13 -7.91 18.93 -1.47
N THR B 14 -6.73 19.44 -1.78
CA THR B 14 -5.72 18.72 -2.56
C THR B 14 -5.37 17.37 -1.94
N TYR B 15 -5.17 17.37 -0.62
CA TYR B 15 -4.89 16.13 0.12
C TYR B 15 -6.03 15.10 0.02
N LEU B 16 -7.26 15.55 0.24
CA LEU B 16 -8.45 14.72 0.11
C LEU B 16 -8.65 14.16 -1.30
N ARG B 17 -8.32 14.95 -2.31
CA ARG B 17 -8.39 14.51 -3.72
C ARG B 17 -7.38 13.37 -4.02
N GLU B 18 -6.22 13.45 -3.37
CA GLU B 18 -5.25 12.37 -3.43
C GLU B 18 -5.73 11.13 -2.66
N MET B 19 -6.20 11.34 -1.43
CA MET B 19 -6.62 10.22 -0.60
C MET B 19 -7.85 9.48 -1.13
N GLU B 20 -8.78 10.18 -1.78
CA GLU B 20 -10.00 9.51 -2.26
C GLU B 20 -9.73 8.42 -3.31
N VAL B 21 -8.75 8.68 -4.18
CA VAL B 21 -8.28 7.69 -5.16
C VAL B 21 -7.67 6.49 -4.44
N LYS B 22 -6.79 6.77 -3.48
CA LYS B 22 -6.20 5.72 -2.64
C LYS B 22 -7.21 4.89 -1.82
N CYS B 23 -8.31 5.51 -1.40
CA CYS B 23 -9.29 4.86 -0.52
C CYS B 23 -10.49 4.32 -1.29
N LYS B 24 -10.45 4.41 -2.62
CA LYS B 24 -11.57 4.02 -3.45
C LYS B 24 -11.77 2.50 -3.44
N PRO B 25 -13.00 2.03 -3.18
CA PRO B 25 -13.31 0.59 -3.29
C PRO B 25 -13.12 0.10 -4.74
N LYS B 26 -12.99 -1.22 -4.93
CA LYS B 26 -12.93 -1.70 -6.32
C LYS B 26 -14.30 -1.70 -6.97
N VAL B 27 -14.37 -1.05 -8.13
CA VAL B 27 -15.63 -0.79 -8.82
C VAL B 27 -16.40 -2.08 -9.11
N GLY B 28 -15.68 -3.14 -9.45
CA GLY B 28 -16.32 -4.39 -9.87
C GLY B 28 -16.39 -5.50 -8.83
N TYR B 29 -16.35 -5.16 -7.54
CA TYR B 29 -16.23 -6.19 -6.51
C TYR B 29 -17.44 -7.12 -6.36
N MET B 30 -18.65 -6.60 -6.59
CA MET B 30 -19.86 -7.38 -6.32
C MET B 30 -19.95 -8.60 -7.25
N LYS B 31 -19.50 -8.40 -8.50
CA LYS B 31 -19.34 -9.45 -9.50
C LYS B 31 -18.48 -10.62 -8.97
N LYS B 32 -17.53 -10.31 -8.09
CA LYS B 32 -16.61 -11.31 -7.55
C LYS B 32 -17.02 -11.83 -6.17
N GLN B 33 -18.16 -11.37 -5.67
CA GLN B 33 -18.76 -11.90 -4.44
C GLN B 33 -19.77 -13.01 -4.81
N PRO B 34 -19.44 -14.27 -4.50
CA PRO B 34 -20.33 -15.39 -4.85
C PRO B 34 -21.69 -15.36 -4.17
N ASP B 35 -21.77 -14.80 -2.96
CA ASP B 35 -22.96 -14.96 -2.14
C ASP B 35 -23.76 -13.70 -1.83
N ILE B 36 -23.22 -12.54 -2.19
CA ILE B 36 -23.90 -11.27 -1.93
C ILE B 36 -24.09 -10.44 -3.19
N THR B 37 -25.09 -9.57 -3.17
CA THR B 37 -25.49 -8.80 -4.34
C THR B 37 -25.62 -7.33 -3.98
N ASN B 38 -25.71 -6.47 -5.00
CA ASN B 38 -25.95 -5.05 -4.83
C ASN B 38 -27.18 -4.79 -3.99
N SER B 39 -28.19 -5.64 -4.16
CA SER B 39 -29.46 -5.52 -3.47
C SER B 39 -29.33 -5.80 -1.97
N MET B 40 -28.58 -6.84 -1.61
CA MET B 40 -28.28 -7.12 -0.21
C MET B 40 -27.46 -6.00 0.43
N ARG B 41 -26.54 -5.41 -0.33
CA ARG B 41 -25.76 -4.27 0.15
C ARG B 41 -26.65 -3.06 0.40
N ALA B 42 -27.66 -2.87 -0.46
CA ALA B 42 -28.62 -1.77 -0.34
C ALA B 42 -29.43 -1.88 0.96
N ILE B 43 -29.87 -3.09 1.27
CA ILE B 43 -30.58 -3.40 2.52
C ILE B 43 -29.68 -3.08 3.73
N LEU B 44 -28.42 -3.48 3.64
CA LEU B 44 -27.45 -3.18 4.69
C LEU B 44 -27.26 -1.68 4.91
N VAL B 45 -26.97 -0.95 3.83
CA VAL B 45 -26.72 0.48 3.94
C VAL B 45 -27.97 1.24 4.44
N ASP B 46 -29.14 0.83 3.97
CA ASP B 46 -30.40 1.40 4.45
C ASP B 46 -30.60 1.12 5.96
N TRP B 47 -30.30 -0.10 6.39
CA TRP B 47 -30.27 -0.43 7.85
C TRP B 47 -29.30 0.45 8.64
N LEU B 48 -28.08 0.64 8.13
CA LEU B 48 -27.12 1.57 8.75
C LEU B 48 -27.62 3.02 8.89
N VAL B 49 -28.38 3.48 7.89
CA VAL B 49 -29.05 4.79 7.98
C VAL B 49 -29.99 4.82 9.21
N GLU B 50 -30.80 3.77 9.37
CA GLU B 50 -31.68 3.61 10.55
C GLU B 50 -30.91 3.61 11.87
N VAL B 51 -29.82 2.83 11.94
CA VAL B 51 -28.96 2.81 13.12
C VAL B 51 -28.44 4.23 13.46
N GLY B 52 -27.93 4.93 12.44
CA GLY B 52 -27.46 6.31 12.61
C GLY B 52 -28.53 7.26 13.14
N GLU B 53 -29.78 7.04 12.71
CA GLU B 53 -30.93 7.78 13.24
C GLU B 53 -31.26 7.41 14.68
N GLU B 54 -31.37 6.12 14.95
CA GLU B 54 -31.65 5.62 16.30
C GLU B 54 -30.65 6.16 17.33
N TYR B 55 -29.37 6.13 16.99
CA TYR B 55 -28.35 6.60 17.91
C TYR B 55 -27.88 8.02 17.69
N LYS B 56 -28.55 8.71 16.78
CA LYS B 56 -28.27 10.13 16.49
C LYS B 56 -26.79 10.36 16.14
N LEU B 57 -26.27 9.49 15.27
CA LEU B 57 -24.88 9.57 14.80
C LEU B 57 -24.73 10.63 13.72
N GLN B 58 -23.52 11.15 13.57
CA GLN B 58 -23.20 12.09 12.50
C GLN B 58 -23.43 11.43 11.15
N ASN B 59 -23.87 12.19 10.17
CA ASN B 59 -23.89 11.68 8.79
C ASN B 59 -22.48 11.26 8.34
N GLU B 60 -21.47 11.99 8.76
CA GLU B 60 -20.07 11.61 8.47
C GLU B 60 -19.76 10.14 8.83
N THR B 61 -20.18 9.73 10.02
CA THR B 61 -20.00 8.38 10.53
C THR B 61 -20.61 7.29 9.58
N LEU B 62 -21.82 7.55 9.10
CA LEU B 62 -22.48 6.69 8.11
C LEU B 62 -21.66 6.57 6.83
N HIS B 63 -21.22 7.71 6.29
CA HIS B 63 -20.35 7.72 5.10
C HIS B 63 -19.06 6.90 5.28
N LEU B 64 -18.40 7.08 6.43
CA LEU B 64 -17.19 6.33 6.76
C LEU B 64 -17.44 4.82 6.80
N ALA B 65 -18.49 4.40 7.51
CA ALA B 65 -18.88 2.99 7.61
C ALA B 65 -19.05 2.34 6.26
N VAL B 66 -19.75 3.02 5.36
CA VAL B 66 -19.98 2.53 4.01
C VAL B 66 -18.66 2.37 3.24
N ASN B 67 -17.76 3.36 3.37
CA ASN B 67 -16.42 3.26 2.78
C ASN B 67 -15.67 2.05 3.32
N TYR B 68 -15.75 1.82 4.65
CA TYR B 68 -15.05 0.68 5.26
C TYR B 68 -15.62 -0.65 4.77
N ILE B 69 -16.94 -0.71 4.63
CA ILE B 69 -17.63 -1.91 4.16
C ILE B 69 -17.23 -2.24 2.73
N ASP B 70 -17.28 -1.23 1.87
CA ASP B 70 -16.98 -1.42 0.44
C ASP B 70 -15.54 -1.81 0.18
N ARG B 71 -14.61 -1.21 0.93
CA ARG B 71 -13.18 -1.56 0.91
C ARG B 71 -12.94 -2.97 1.44
N PHE B 72 -13.59 -3.32 2.55
CA PHE B 72 -13.48 -4.68 3.11
C PHE B 72 -13.98 -5.72 2.08
N LEU B 73 -15.14 -5.44 1.47
CA LEU B 73 -15.73 -6.35 0.49
C LEU B 73 -15.01 -6.37 -0.85
N SER B 74 -14.13 -5.40 -1.08
CA SER B 74 -13.24 -5.41 -2.24
C SER B 74 -12.18 -6.53 -2.15
N SER B 75 -11.90 -7.04 -0.96
CA SER B 75 -10.90 -8.10 -0.83
C SER B 75 -11.33 -9.36 -0.09
N MET B 76 -12.47 -9.31 0.60
CA MET B 76 -12.90 -10.41 1.46
C MET B 76 -14.28 -10.90 1.01
N SER B 77 -14.36 -12.17 0.64
CA SER B 77 -15.65 -12.81 0.32
C SER B 77 -16.39 -13.00 1.61
N VAL B 78 -17.68 -12.67 1.60
CA VAL B 78 -18.51 -12.72 2.80
C VAL B 78 -19.82 -13.43 2.48
N LEU B 79 -20.22 -14.40 3.31
CA LEU B 79 -21.53 -15.04 3.18
C LEU B 79 -22.64 -14.10 3.64
N ARG B 80 -23.83 -14.25 3.03
CA ARG B 80 -24.97 -13.37 3.31
C ARG B 80 -25.29 -13.22 4.80
N GLY B 81 -25.22 -14.32 5.55
CA GLY B 81 -25.50 -14.30 6.98
C GLY B 81 -24.46 -13.58 7.81
N LYS B 82 -23.31 -13.25 7.20
CA LYS B 82 -22.24 -12.51 7.88
C LYS B 82 -22.09 -11.07 7.40
N LEU B 83 -22.87 -10.69 6.38
CA LEU B 83 -22.80 -9.33 5.83
C LEU B 83 -23.14 -8.26 6.89
N GLN B 84 -24.21 -8.50 7.66
CA GLN B 84 -24.59 -7.58 8.73
C GLN B 84 -23.53 -7.48 9.85
N LEU B 85 -22.78 -8.55 10.08
CA LEU B 85 -21.68 -8.51 11.05
C LEU B 85 -20.55 -7.56 10.59
N VAL B 86 -20.21 -7.63 9.31
CA VAL B 86 -19.23 -6.70 8.69
C VAL B 86 -19.74 -5.28 8.87
N GLY B 87 -20.99 -5.07 8.46
CA GLY B 87 -21.69 -3.76 8.58
C GLY B 87 -21.68 -3.18 9.97
N THR B 88 -22.01 -4.01 10.96
CA THR B 88 -22.01 -3.61 12.36
C THR B 88 -20.62 -3.23 12.91
N ALA B 89 -19.60 -4.02 12.60
CA ALA B 89 -18.23 -3.72 13.01
C ALA B 89 -17.74 -2.43 12.35
N ALA B 90 -18.11 -2.24 11.07
CA ALA B 90 -17.78 -1.02 10.34
C ALA B 90 -18.37 0.23 11.00
N MET B 91 -19.63 0.17 11.38
CA MET B 91 -20.31 1.27 12.07
C MET B 91 -19.72 1.54 13.48
N LEU B 92 -19.28 0.48 14.15
CA LEU B 92 -18.59 0.60 15.43
C LEU B 92 -17.25 1.33 15.24
N LEU B 93 -16.50 0.92 14.22
CA LEU B 93 -15.21 1.54 13.96
C LEU B 93 -15.39 2.99 13.57
N ALA B 94 -16.33 3.26 12.67
CA ALA B 94 -16.63 4.63 12.25
C ALA B 94 -17.04 5.52 13.42
N SER B 95 -17.81 4.97 14.35
CA SER B 95 -18.30 5.72 15.51
C SER B 95 -17.14 6.08 16.41
N LYS B 96 -16.27 5.11 16.69
CA LYS B 96 -15.08 5.37 17.50
C LYS B 96 -14.18 6.42 16.88
N PHE B 97 -14.04 6.40 15.54
CA PHE B 97 -13.20 7.40 14.86
C PHE B 97 -13.84 8.79 14.95
N GLU B 98 -15.13 8.87 14.63
CA GLU B 98 -15.79 10.12 14.29
C GLU B 98 -16.65 10.74 15.41
N GLU B 99 -17.22 9.91 16.29
CA GLU B 99 -18.15 10.42 17.32
C GLU B 99 -17.47 10.91 18.59
N ILE B 100 -18.05 11.95 19.19
CA ILE B 100 -17.66 12.38 20.54
C ILE B 100 -18.08 11.29 21.52
N TYR B 101 -19.33 10.83 21.39
CA TYR B 101 -19.86 9.77 22.23
C TYR B 101 -20.33 8.58 21.39
N PRO B 102 -19.41 7.66 21.05
CA PRO B 102 -19.87 6.50 20.27
C PRO B 102 -20.78 5.59 21.11
N PRO B 103 -21.75 4.92 20.48
CA PRO B 103 -22.52 3.93 21.27
C PRO B 103 -21.60 2.82 21.81
N GLU B 104 -21.94 2.29 22.98
CA GLU B 104 -21.22 1.15 23.55
C GLU B 104 -21.38 -0.06 22.63
N VAL B 105 -20.44 -0.98 22.72
CA VAL B 105 -20.46 -2.21 21.92
C VAL B 105 -21.74 -3.01 22.11
N ALA B 106 -22.23 -3.06 23.36
CA ALA B 106 -23.51 -3.73 23.68
C ALA B 106 -24.65 -3.14 22.87
N GLU B 107 -24.62 -1.82 22.69
CA GLU B 107 -25.62 -1.14 21.86
C GLU B 107 -25.58 -1.65 20.43
N PHE B 108 -24.38 -1.88 19.88
CA PHE B 108 -24.24 -2.47 18.53
C PHE B 108 -24.74 -3.92 18.43
N VAL B 109 -24.46 -4.74 19.45
CA VAL B 109 -24.99 -6.10 19.53
C VAL B 109 -26.52 -6.09 19.57
N TYR B 110 -27.08 -5.23 20.41
CA TYR B 110 -28.52 -5.04 20.53
C TYR B 110 -29.24 -4.74 19.21
N ILE B 111 -28.71 -3.82 18.40
CA ILE B 111 -29.37 -3.47 17.13
C ILE B 111 -29.30 -4.53 16.02
N THR B 112 -28.39 -5.50 16.17
CA THR B 112 -28.40 -6.67 15.27
C THR B 112 -29.46 -7.72 15.66
N ASP B 113 -30.36 -7.35 16.58
CA ASP B 113 -31.43 -8.25 17.07
CA ASP B 113 -31.42 -8.24 17.10
C ASP B 113 -30.84 -9.55 17.65
N ASP B 114 -29.66 -9.43 18.26
CA ASP B 114 -28.88 -10.57 18.79
C ASP B 114 -28.56 -11.70 17.78
N THR B 115 -28.42 -11.33 16.51
CA THR B 115 -27.93 -12.25 15.48
C THR B 115 -26.48 -12.65 15.82
N TYR B 116 -25.77 -11.71 16.41
CA TYR B 116 -24.38 -11.91 16.69
C TYR B 116 -24.09 -11.65 18.15
N THR B 117 -23.06 -12.29 18.67
CA THR B 117 -22.64 -12.06 20.04
C THR B 117 -21.65 -10.90 20.08
N LYS B 118 -21.40 -10.39 21.28
CA LYS B 118 -20.42 -9.35 21.50
C LYS B 118 -19.04 -9.80 21.02
N LYS B 119 -18.72 -11.07 21.28
CA LYS B 119 -17.44 -11.64 20.88
C LYS B 119 -17.22 -11.61 19.37
N GLN B 120 -18.26 -11.93 18.61
CA GLN B 120 -18.22 -11.86 17.15
C GLN B 120 -17.99 -10.43 16.62
N VAL B 121 -18.72 -9.48 17.20
CA VAL B 121 -18.62 -8.08 16.81
C VAL B 121 -17.18 -7.61 17.02
N LEU B 122 -16.64 -7.90 18.20
CA LEU B 122 -15.28 -7.50 18.56
C LEU B 122 -14.20 -8.19 17.73
N ARG B 123 -14.42 -9.46 17.40
CA ARG B 123 -13.51 -10.17 16.50
C ARG B 123 -13.59 -9.61 15.08
N MET B 124 -14.81 -9.29 14.63
CA MET B 124 -14.95 -8.65 13.31
C MET B 124 -14.30 -7.26 13.30
N GLU B 125 -14.42 -6.51 14.38
CA GLU B 125 -13.75 -5.21 14.50
C GLU B 125 -12.24 -5.34 14.20
N HIS B 126 -11.60 -6.31 14.87
CA HIS B 126 -10.19 -6.62 14.70
C HIS B 126 -9.87 -6.98 13.26
N LEU B 127 -10.68 -7.87 12.68
CA LEU B 127 -10.50 -8.29 11.30
C LEU B 127 -10.62 -7.13 10.29
N VAL B 128 -11.62 -6.26 10.48
CA VAL B 128 -11.79 -5.09 9.61
C VAL B 128 -10.55 -4.17 9.70
N LEU B 129 -10.06 -3.95 10.92
CA LEU B 129 -8.86 -3.13 11.13
C LEU B 129 -7.62 -3.70 10.43
N LYS B 130 -7.49 -5.02 10.47
CA LYS B 130 -6.41 -5.73 9.77
C LYS B 130 -6.48 -5.59 8.25
N VAL B 131 -7.65 -5.88 7.70
CA VAL B 131 -7.90 -5.80 6.26
C VAL B 131 -7.67 -4.35 5.73
N LEU B 132 -8.12 -3.37 6.51
CA LEU B 132 -8.01 -1.97 6.13
C LEU B 132 -6.68 -1.35 6.56
N ALA B 133 -5.89 -2.12 7.33
CA ALA B 133 -4.60 -1.70 7.85
C ALA B 133 -4.70 -0.42 8.68
N PHE B 134 -5.79 -0.30 9.45
CA PHE B 134 -6.06 0.89 10.29
C PHE B 134 -6.21 2.19 9.49
N ASP B 135 -6.40 2.08 8.18
CA ASP B 135 -6.51 3.27 7.32
C ASP B 135 -7.95 3.74 7.29
N LEU B 136 -8.34 4.38 8.39
CA LEU B 136 -9.73 4.78 8.65
C LEU B 136 -10.09 6.23 8.30
N ALA B 137 -9.09 7.08 8.09
CA ALA B 137 -9.31 8.49 7.84
C ALA B 137 -9.58 8.75 6.35
N ALA B 138 -10.67 8.18 5.86
CA ALA B 138 -10.99 8.25 4.44
C ALA B 138 -11.84 9.48 4.12
N PRO B 139 -11.58 10.12 2.96
CA PRO B 139 -12.51 11.13 2.45
C PRO B 139 -13.91 10.60 2.10
N THR B 140 -14.90 11.41 2.45
CA THR B 140 -16.29 11.09 2.19
C THR B 140 -16.91 12.18 1.28
N ILE B 141 -18.07 11.88 0.73
CA ILE B 141 -18.89 12.86 0.02
C ILE B 141 -19.09 14.12 0.85
N ASN B 142 -19.36 13.91 2.15
CA ASN B 142 -19.65 15.02 3.05
C ASN B 142 -18.50 15.96 3.26
N GLN B 143 -17.29 15.42 3.31
CA GLN B 143 -16.09 16.26 3.48
C GLN B 143 -15.88 17.19 2.30
N PHE B 144 -16.24 16.77 1.08
CA PHE B 144 -16.17 17.67 -0.08
C PHE B 144 -17.37 18.65 -0.11
N LEU B 145 -18.57 18.13 0.16
CA LEU B 145 -19.81 18.93 0.21
C LEU B 145 -19.67 20.16 1.08
N THR B 146 -19.14 19.99 2.28
CA THR B 146 -19.10 21.11 3.23
C THR B 146 -18.14 22.18 2.75
N GLN B 147 -17.08 21.77 2.05
CA GLN B 147 -16.21 22.74 1.37
C GLN B 147 -16.92 23.44 0.21
N TYR B 148 -17.64 22.68 -0.62
CA TYR B 148 -18.38 23.26 -1.75
C TYR B 148 -19.43 24.29 -1.28
N PHE B 149 -20.04 24.01 -0.11
CA PHE B 149 -21.06 24.90 0.49
C PHE B 149 -20.54 26.32 0.72
N LEU B 150 -19.27 26.45 1.00
CA LEU B 150 -18.67 27.76 1.24
C LEU B 150 -18.70 28.67 0.00
N HIS B 151 -18.99 28.09 -1.15
CA HIS B 151 -19.12 28.86 -2.39
C HIS B 151 -20.54 29.36 -2.72
N GLN B 152 -21.50 29.15 -1.83
CA GLN B 152 -22.86 29.64 -2.09
C GLN B 152 -22.95 31.15 -1.85
N GLN B 153 -23.73 31.80 -2.71
CA GLN B 153 -23.95 33.24 -2.67
C GLN B 153 -25.47 33.56 -2.64
N PRO B 154 -26.09 33.63 -1.43
CA PRO B 154 -25.53 33.34 -0.12
C PRO B 154 -25.87 31.90 0.28
N ALA B 155 -25.44 31.48 1.47
CA ALA B 155 -25.74 30.13 1.96
C ALA B 155 -27.24 29.89 2.06
N ASN B 156 -27.65 28.68 1.69
CA ASN B 156 -29.05 28.30 1.66
C ASN B 156 -29.17 26.90 2.27
N CYS B 157 -29.93 26.81 3.37
CA CYS B 157 -30.09 25.57 4.15
C CYS B 157 -30.76 24.46 3.40
N LYS B 158 -31.76 24.79 2.58
CA LYS B 158 -32.38 23.80 1.71
C LYS B 158 -31.37 23.25 0.70
N VAL B 159 -30.55 24.13 0.11
CA VAL B 159 -29.50 23.69 -0.81
C VAL B 159 -28.54 22.71 -0.10
N GLU B 160 -28.10 23.09 1.09
CA GLU B 160 -27.18 22.23 1.87
C GLU B 160 -27.76 20.87 2.25
N SER B 161 -28.97 20.89 2.82
CA SER B 161 -29.62 19.66 3.26
C SER B 161 -29.99 18.75 2.09
N LEU B 162 -30.47 19.34 1.00
CA LEU B 162 -30.76 18.58 -0.22
C LEU B 162 -29.53 17.94 -0.85
N ALA B 163 -28.39 18.65 -0.88
CA ALA B 163 -27.16 18.07 -1.43
C ALA B 163 -26.73 16.85 -0.62
N MET B 164 -26.84 16.97 0.70
CA MET B 164 -26.56 15.90 1.63
C MET B 164 -27.45 14.67 1.42
N PHE B 165 -28.75 14.93 1.30
CA PHE B 165 -29.74 13.90 1.00
C PHE B 165 -29.37 13.13 -0.26
N LEU B 166 -29.01 13.86 -1.32
CA LEU B 166 -28.65 13.25 -2.59
C LEU B 166 -27.37 12.42 -2.48
N GLY B 167 -26.34 12.95 -1.80
CA GLY B 167 -25.12 12.19 -1.58
C GLY B 167 -25.40 10.93 -0.79
N GLU B 168 -26.32 11.04 0.17
CA GLU B 168 -26.68 9.90 0.99
C GLU B 168 -27.40 8.83 0.16
N LEU B 169 -28.26 9.24 -0.77
CA LEU B 169 -28.93 8.26 -1.65
C LEU B 169 -27.97 7.42 -2.46
N SER B 170 -26.85 8.02 -2.87
CA SER B 170 -25.83 7.33 -3.68
C SER B 170 -25.14 6.19 -2.93
N LEU B 171 -25.05 6.30 -1.60
CA LEU B 171 -24.49 5.24 -0.75
C LEU B 171 -25.24 3.90 -0.92
N ILE B 172 -26.53 3.97 -1.20
CA ILE B 172 -27.41 2.76 -1.26
C ILE B 172 -27.10 1.87 -2.47
N ASP B 173 -26.79 2.48 -3.60
CA ASP B 173 -26.75 1.79 -4.88
C ASP B 173 -25.33 1.69 -5.44
N ALA B 174 -24.66 0.56 -5.19
CA ALA B 174 -23.29 0.34 -5.64
C ALA B 174 -23.19 0.43 -7.16
N ASP B 175 -24.22 -0.06 -7.84
CA ASP B 175 -24.43 0.23 -9.26
C ASP B 175 -25.43 1.38 -9.36
N PRO B 176 -25.00 2.54 -9.89
CA PRO B 176 -23.69 2.82 -10.48
C PRO B 176 -22.64 3.52 -9.62
N TYR B 177 -22.94 3.83 -8.34
CA TYR B 177 -22.16 4.87 -7.64
C TYR B 177 -20.75 4.47 -7.21
N LEU B 178 -20.46 3.17 -7.15
CA LEU B 178 -19.07 2.70 -6.98
C LEU B 178 -18.13 3.21 -8.06
N LYS B 179 -18.67 3.49 -9.24
CA LYS B 179 -17.92 4.09 -10.35
C LYS B 179 -17.31 5.48 -10.04
N TYR B 180 -18.00 6.24 -9.19
CA TYR B 180 -17.69 7.66 -9.00
C TYR B 180 -16.99 7.98 -7.68
N LEU B 181 -16.07 8.95 -7.70
CA LEU B 181 -15.30 9.34 -6.52
C LEU B 181 -16.19 10.22 -5.66
N PRO B 182 -15.96 10.24 -4.33
CA PRO B 182 -16.70 11.14 -3.44
C PRO B 182 -16.76 12.59 -3.90
N SER B 183 -15.67 13.13 -4.43
CA SER B 183 -15.62 14.55 -4.81
C SER B 183 -16.55 14.82 -5.99
N VAL B 184 -16.68 13.81 -6.85
CA VAL B 184 -17.52 13.89 -8.03
C VAL B 184 -19.00 13.74 -7.67
N ILE B 185 -19.32 12.75 -6.83
CA ILE B 185 -20.71 12.65 -6.33
C ILE B 185 -21.16 13.90 -5.57
N ALA B 186 -20.26 14.47 -4.75
CA ALA B 186 -20.54 15.70 -4.01
C ALA B 186 -20.78 16.86 -4.96
N ALA B 187 -19.97 16.94 -6.01
CA ALA B 187 -20.14 17.99 -7.01
C ALA B 187 -21.47 17.87 -7.75
N ALA B 188 -21.82 16.66 -8.18
CA ALA B 188 -23.15 16.48 -8.82
C ALA B 188 -24.29 16.74 -7.84
N ALA B 189 -24.15 16.25 -6.61
CA ALA B 189 -25.14 16.50 -5.58
C ALA B 189 -25.32 18.00 -5.28
N PHE B 190 -24.21 18.74 -5.20
CA PHE B 190 -24.30 20.17 -4.97
C PHE B 190 -24.96 20.91 -6.14
N HIS B 191 -24.54 20.63 -7.37
CA HIS B 191 -25.17 21.28 -8.53
C HIS B 191 -26.67 20.98 -8.61
N LEU B 192 -27.02 19.71 -8.42
CA LEU B 192 -28.42 19.28 -8.53
C LEU B 192 -29.29 19.92 -7.45
N ALA B 193 -28.76 20.04 -6.23
CA ALA B 193 -29.47 20.69 -5.13
C ALA B 193 -29.66 22.19 -5.37
N LEU B 194 -28.59 22.84 -5.84
CA LEU B 194 -28.58 24.27 -6.16
C LEU B 194 -29.61 24.57 -7.26
N TYR B 195 -29.60 23.75 -8.29
CA TYR B 195 -30.54 23.85 -9.40
C TYR B 195 -32.00 23.60 -8.96
N THR B 196 -32.25 22.53 -8.22
CA THR B 196 -33.59 22.24 -7.72
C THR B 196 -34.16 23.41 -6.90
N VAL B 197 -33.36 23.94 -5.97
CA VAL B 197 -33.86 24.94 -5.04
C VAL B 197 -33.85 26.38 -5.61
N THR B 198 -32.76 26.77 -6.27
CA THR B 198 -32.57 28.18 -6.64
C THR B 198 -32.53 28.44 -8.15
N GLY B 199 -32.46 27.38 -8.94
CA GLY B 199 -32.28 27.51 -10.37
C GLY B 199 -30.87 27.90 -10.82
N GLN B 200 -29.91 27.94 -9.88
CA GLN B 200 -28.51 28.25 -10.21
C GLN B 200 -27.74 26.98 -10.60
N SER B 201 -26.53 27.18 -11.12
CA SER B 201 -25.63 26.09 -11.57
C SER B 201 -24.28 26.07 -10.86
N TRP B 202 -23.64 24.90 -10.85
CA TRP B 202 -22.25 24.73 -10.48
C TRP B 202 -21.45 26.01 -10.77
N PRO B 203 -20.99 26.72 -9.72
CA PRO B 203 -20.41 28.04 -9.92
C PRO B 203 -18.97 28.00 -10.45
N GLU B 204 -18.59 29.05 -11.18
CA GLU B 204 -17.22 29.22 -11.70
C GLU B 204 -16.16 29.08 -10.63
N SER B 205 -16.45 29.58 -9.42
CA SER B 205 -15.50 29.54 -8.33
C SER B 205 -15.15 28.10 -7.94
N LEU B 206 -16.11 27.19 -8.12
CA LEU B 206 -15.90 25.76 -7.87
C LEU B 206 -15.26 25.05 -9.07
N VAL B 207 -15.46 25.55 -10.27
CA VAL B 207 -14.63 25.08 -11.40
C VAL B 207 -13.17 25.37 -11.09
N GLN B 208 -12.90 26.57 -10.57
CA GLN B 208 -11.56 27.00 -10.19
C GLN B 208 -10.95 26.11 -9.12
N LYS B 209 -11.75 25.75 -8.12
CA LYS B 209 -11.30 24.94 -6.99
C LYS B 209 -11.02 23.49 -7.38
N THR B 210 -11.97 22.90 -8.09
CA THR B 210 -12.00 21.47 -8.36
C THR B 210 -11.49 21.05 -9.73
N GLY B 211 -11.53 21.97 -10.69
CA GLY B 211 -11.26 21.60 -12.09
C GLY B 211 -12.42 20.85 -12.74
N TYR B 212 -13.52 20.63 -11.99
CA TYR B 212 -14.70 19.97 -12.56
C TYR B 212 -15.60 21.02 -13.24
N THR B 213 -16.17 20.65 -14.39
CA THR B 213 -17.20 21.46 -15.06
C THR B 213 -18.45 20.60 -15.19
N LEU B 214 -19.55 21.23 -15.60
CA LEU B 214 -20.80 20.51 -15.89
C LEU B 214 -20.60 19.36 -16.87
N GLU B 215 -19.67 19.52 -17.83
CA GLU B 215 -19.39 18.43 -18.77
CA GLU B 215 -19.30 18.46 -18.79
C GLU B 215 -18.69 17.23 -18.12
N THR B 216 -17.70 17.47 -17.25
CA THR B 216 -17.05 16.35 -16.57
C THR B 216 -17.98 15.67 -15.54
N LEU B 217 -18.91 16.45 -14.98
CA LEU B 217 -19.89 15.93 -14.02
C LEU B 217 -21.15 15.31 -14.65
N LYS B 218 -21.33 15.51 -15.96
CA LYS B 218 -22.53 15.02 -16.68
C LYS B 218 -22.94 13.55 -16.38
N PRO B 219 -22.04 12.57 -16.58
CA PRO B 219 -22.38 11.16 -16.31
C PRO B 219 -22.94 10.88 -14.91
N CYS B 220 -22.26 11.39 -13.88
CA CYS B 220 -22.75 11.26 -12.50
C CYS B 220 -24.09 11.99 -12.27
N LEU B 221 -24.19 13.20 -12.80
CA LEU B 221 -25.41 14.01 -12.70
C LEU B 221 -26.63 13.30 -13.32
N LEU B 222 -26.43 12.73 -14.51
CA LEU B 222 -27.48 11.96 -15.17
C LEU B 222 -27.92 10.77 -14.32
N ASP B 223 -26.96 10.07 -13.74
CA ASP B 223 -27.26 8.99 -12.78
C ASP B 223 -27.99 9.52 -11.55
N LEU B 224 -27.47 10.59 -10.96
CA LEU B 224 -28.04 11.13 -9.72
C LEU B 224 -29.44 11.73 -9.91
N HIS B 225 -29.63 12.39 -11.04
CA HIS B 225 -30.93 12.92 -11.39
C HIS B 225 -31.99 11.82 -11.48
N GLN B 226 -31.64 10.69 -12.11
CA GLN B 226 -32.54 9.54 -12.19
C GLN B 226 -32.82 8.95 -10.82
N THR B 227 -31.77 8.83 -10.01
CA THR B 227 -31.92 8.36 -8.63
C THR B 227 -32.87 9.27 -7.85
N TYR B 228 -32.71 10.58 -8.01
CA TYR B 228 -33.58 11.55 -7.35
C TYR B 228 -35.05 11.37 -7.81
N LEU B 229 -35.24 11.25 -9.13
CA LEU B 229 -36.59 11.05 -9.70
C LEU B 229 -37.26 9.76 -9.22
N ARG B 230 -36.48 8.69 -9.11
CA ARG B 230 -37.00 7.37 -8.75
C ARG B 230 -37.06 7.09 -7.25
N ALA B 231 -36.58 8.05 -6.44
CA ALA B 231 -36.41 7.83 -5.01
C ALA B 231 -37.69 7.40 -4.25
N PRO B 232 -38.87 7.99 -4.58
CA PRO B 232 -40.10 7.52 -3.92
C PRO B 232 -40.43 6.05 -4.17
N GLN B 233 -39.89 5.47 -5.24
CA GLN B 233 -40.21 4.10 -5.63
C GLN B 233 -39.16 3.06 -5.24
N HIS B 234 -37.96 3.51 -4.86
CA HIS B 234 -36.88 2.62 -4.44
C HIS B 234 -37.33 1.72 -3.29
N ALA B 235 -36.88 0.47 -3.29
CA ALA B 235 -37.21 -0.49 -2.23
C ALA B 235 -36.72 -0.05 -0.85
N GLN B 236 -35.61 0.69 -0.82
CA GLN B 236 -35.10 1.27 0.40
C GLN B 236 -35.53 2.73 0.57
N GLN B 237 -36.08 3.04 1.74
CA GLN B 237 -36.76 4.31 1.99
C GLN B 237 -36.29 5.07 3.25
N SER B 238 -35.29 4.55 3.95
CA SER B 238 -34.89 5.15 5.24
C SER B 238 -34.30 6.56 5.16
N ILE B 239 -33.56 6.83 4.09
CA ILE B 239 -33.00 8.16 3.85
C ILE B 239 -34.12 9.19 3.57
N ARG B 240 -35.08 8.84 2.72
CA ARG B 240 -36.24 9.71 2.50
C ARG B 240 -36.99 10.05 3.79
N GLU B 241 -37.28 9.03 4.60
CA GLU B 241 -37.92 9.24 5.91
C GLU B 241 -37.07 10.15 6.79
N LYS B 242 -35.78 9.84 6.88
CA LYS B 242 -34.81 10.64 7.63
C LYS B 242 -34.86 12.09 7.22
N TYR B 243 -34.88 12.35 5.90
CA TYR B 243 -34.79 13.71 5.39
C TYR B 243 -36.13 14.48 5.29
N LYS B 244 -37.20 13.88 5.83
CA LYS B 244 -38.47 14.60 6.08
C LYS B 244 -38.36 15.42 7.33
N ASN B 245 -37.37 15.10 8.15
CA ASN B 245 -37.19 15.71 9.46
C ASN B 245 -36.77 17.17 9.34
N SER B 246 -37.30 18.01 10.24
CA SER B 246 -36.96 19.43 10.33
C SER B 246 -35.48 19.68 10.48
N LYS B 247 -34.80 18.73 11.13
CA LYS B 247 -33.35 18.74 11.27
C LYS B 247 -32.69 18.97 9.90
N TYR B 248 -33.26 18.37 8.86
CA TYR B 248 -32.73 18.52 7.50
C TYR B 248 -33.71 19.28 6.60
N HIS B 249 -34.49 20.17 7.21
CA HIS B 249 -35.34 21.13 6.50
C HIS B 249 -36.37 20.50 5.58
N GLY B 250 -36.76 19.27 5.92
CA GLY B 250 -37.76 18.48 5.18
C GLY B 250 -37.48 18.33 3.70
N VAL B 251 -36.19 18.33 3.32
CA VAL B 251 -35.83 18.44 1.91
C VAL B 251 -36.28 17.28 1.03
N SER B 252 -36.52 16.11 1.60
CA SER B 252 -37.02 14.99 0.81
C SER B 252 -38.46 15.18 0.30
N LEU B 253 -39.13 16.24 0.75
CA LEU B 253 -40.47 16.59 0.27
C LEU B 253 -40.43 17.52 -0.93
N LEU B 254 -39.27 18.10 -1.22
CA LEU B 254 -39.09 18.92 -2.42
C LEU B 254 -39.23 18.05 -3.66
N ASN B 255 -39.73 18.62 -4.76
CA ASN B 255 -39.88 17.87 -6.00
C ASN B 255 -38.64 18.02 -6.85
N PRO B 256 -38.12 16.87 -7.34
CA PRO B 256 -37.00 16.90 -8.29
C PRO B 256 -37.35 17.68 -9.56
N PRO B 257 -36.34 18.25 -10.24
CA PRO B 257 -36.65 18.92 -11.50
C PRO B 257 -36.93 17.85 -12.55
N GLU B 258 -37.78 18.16 -13.52
CA GLU B 258 -38.13 17.16 -14.52
C GLU B 258 -37.01 17.02 -15.56
N THR B 259 -36.31 18.12 -15.83
CA THR B 259 -35.14 18.13 -16.72
C THR B 259 -33.99 18.94 -16.13
N LEU B 260 -32.78 18.69 -16.61
CA LEU B 260 -31.57 19.37 -16.13
C LEU B 260 -31.09 20.44 -17.08
N ASN B 261 -31.57 20.35 -18.30
CA ASN B 261 -31.21 21.25 -19.36
C ASN B 261 -29.70 21.39 -19.46
N VAL B 262 -28.98 20.29 -19.35
CA VAL B 262 -27.53 20.30 -19.42
C VAL B 262 -27.12 19.99 -20.83
N GLY C 1 -2.26 -12.49 9.03
CA GLY C 1 -3.17 -12.35 10.17
C GLY C 1 -3.72 -13.64 10.70
N SER C 2 -3.29 -13.97 11.93
CA SER C 2 -3.62 -15.19 12.71
C SER C 2 -4.41 -16.34 12.06
N MET C 3 -4.08 -17.54 12.52
CA MET C 3 -4.83 -18.73 12.17
C MET C 3 -6.06 -18.87 13.05
N GLU C 4 -6.24 -17.89 13.93
CA GLU C 4 -7.36 -17.87 14.89
C GLU C 4 -8.73 -17.81 14.23
N ASN C 5 -8.83 -17.09 13.11
CA ASN C 5 -10.10 -16.96 12.40
C ASN C 5 -10.42 -18.11 11.46
N PHE C 6 -9.47 -19.03 11.28
CA PHE C 6 -9.69 -20.18 10.42
C PHE C 6 -10.00 -21.48 11.17
N GLN C 7 -11.04 -22.16 10.71
CA GLN C 7 -11.35 -23.49 11.21
C GLN C 7 -11.00 -24.51 10.13
N LYS C 8 -9.99 -25.33 10.41
CA LYS C 8 -9.62 -26.42 9.50
C LYS C 8 -10.75 -27.45 9.47
N VAL C 9 -11.19 -27.81 8.27
CA VAL C 9 -12.29 -28.75 8.04
C VAL C 9 -11.74 -30.18 7.78
N GLU C 10 -10.81 -30.29 6.84
CA GLU C 10 -10.19 -31.58 6.49
C GLU C 10 -8.88 -31.36 5.75
N LYS C 11 -8.01 -32.38 5.77
CA LYS C 11 -6.84 -32.39 4.91
C LYS C 11 -7.28 -32.74 3.49
N ILE C 12 -6.93 -31.91 2.52
CA ILE C 12 -7.32 -32.18 1.12
C ILE C 12 -6.17 -32.59 0.20
N GLY C 13 -4.94 -32.55 0.70
CA GLY C 13 -3.82 -32.91 -0.13
C GLY C 13 -2.50 -32.73 0.58
N GLU C 14 -1.42 -33.05 -0.12
CA GLU C 14 -0.09 -32.87 0.45
C GLU C 14 0.94 -32.41 -0.58
N GLY C 15 2.15 -32.96 -0.48
CA GLY C 15 3.27 -32.58 -1.35
C GLY C 15 4.57 -32.39 -0.60
N THR C 16 5.63 -32.14 -1.37
CA THR C 16 6.98 -31.92 -0.83
C THR C 16 7.02 -30.70 0.11
N TYR C 17 5.89 -30.01 0.19
CA TYR C 17 5.79 -28.64 0.72
C TYR C 17 5.67 -28.52 2.24
N GLY C 18 4.46 -28.71 2.79
CA GLY C 18 3.26 -28.86 1.98
C GLY C 18 2.24 -29.83 2.51
N VAL C 19 1.28 -29.29 3.24
CA VAL C 19 0.00 -29.95 3.48
C VAL C 19 -1.07 -28.91 3.12
N VAL C 20 -2.10 -29.35 2.39
CA VAL C 20 -3.20 -28.46 2.01
C VAL C 20 -4.48 -28.86 2.76
N TYR C 21 -5.08 -27.87 3.43
CA TYR C 21 -6.31 -28.08 4.18
C TYR C 21 -7.47 -27.31 3.57
N LYS C 22 -8.66 -27.88 3.68
CA LYS C 22 -9.89 -27.13 3.50
C LYS C 22 -10.16 -26.49 4.84
N ALA C 23 -10.49 -25.19 4.81
CA ALA C 23 -10.74 -24.45 6.04
C ALA C 23 -11.84 -23.44 5.80
N ARG C 24 -12.39 -22.91 6.88
CA ARG C 24 -13.41 -21.88 6.77
CA ARG C 24 -13.44 -21.89 6.81
C ARG C 24 -13.07 -20.68 7.67
N ASN C 25 -13.32 -19.49 7.14
CA ASN C 25 -13.15 -18.28 7.89
C ASN C 25 -14.36 -18.18 8.80
N LYS C 26 -14.13 -18.21 10.11
CA LYS C 26 -15.23 -18.17 11.10
C LYS C 26 -16.06 -16.89 11.09
N LEU C 27 -15.44 -15.79 10.67
CA LEU C 27 -16.09 -14.49 10.74
C LEU C 27 -16.85 -14.12 9.47
N THR C 28 -16.32 -14.49 8.32
CA THR C 28 -16.90 -14.13 7.03
C THR C 28 -17.63 -15.30 6.38
N GLY C 29 -17.35 -16.51 6.86
CA GLY C 29 -17.91 -17.72 6.28
C GLY C 29 -17.15 -18.21 5.05
N GLU C 30 -16.16 -17.44 4.57
CA GLU C 30 -15.42 -17.85 3.37
C GLU C 30 -14.74 -19.21 3.54
N VAL C 31 -14.90 -20.07 2.54
CA VAL C 31 -14.21 -21.36 2.50
C VAL C 31 -12.91 -21.19 1.68
N VAL C 32 -11.80 -21.65 2.24
CA VAL C 32 -10.49 -21.45 1.63
C VAL C 32 -9.71 -22.78 1.60
N ALA C 33 -8.66 -22.83 0.78
CA ALA C 33 -7.62 -23.86 0.91
C ALA C 33 -6.39 -23.22 1.58
N LEU C 34 -5.91 -23.83 2.66
CA LEU C 34 -4.70 -23.40 3.34
C LEU C 34 -3.56 -24.33 3.00
N LYS C 35 -2.53 -23.79 2.37
CA LYS C 35 -1.32 -24.52 2.07
C LYS C 35 -0.26 -24.17 3.10
N LYS C 36 0.03 -25.11 3.99
CA LYS C 36 1.00 -24.95 5.05
C LYS C 36 2.37 -25.33 4.52
N ILE C 37 3.32 -24.41 4.70
CA ILE C 37 4.71 -24.63 4.28
C ILE C 37 5.62 -24.51 5.49
N ARG C 38 6.28 -25.59 5.83
CA ARG C 38 7.16 -25.57 6.96
C ARG C 38 8.47 -24.87 6.66
N LEU C 39 8.86 -24.02 7.57
CA LEU C 39 10.07 -23.28 7.44
C LEU C 39 11.23 -23.97 8.14
N ASP C 40 12.36 -24.03 7.47
CA ASP C 40 13.57 -24.63 8.00
C ASP C 40 14.39 -23.54 8.70
N THR C 41 13.91 -23.12 9.85
CA THR C 41 14.43 -21.97 10.60
C THR C 41 15.84 -22.10 11.20
N GLU C 42 16.45 -23.29 11.14
CA GLU C 42 17.83 -23.50 11.60
C GLU C 42 18.75 -24.00 10.46
N THR C 43 18.19 -24.15 9.26
CA THR C 43 18.90 -24.76 8.14
C THR C 43 18.92 -23.88 6.93
N GLU C 44 17.89 -24.06 6.11
CA GLU C 44 17.88 -23.52 4.77
C GLU C 44 16.83 -22.42 4.55
N GLY C 45 16.09 -22.09 5.60
CA GLY C 45 15.09 -21.00 5.58
C GLY C 45 13.86 -21.26 4.73
N VAL C 46 13.41 -20.22 4.02
CA VAL C 46 12.19 -20.30 3.23
C VAL C 46 12.48 -21.05 1.92
N PRO C 47 11.76 -22.15 1.66
CA PRO C 47 12.06 -22.90 0.44
C PRO C 47 11.88 -22.07 -0.83
N SER C 48 12.75 -22.31 -1.80
CA SER C 48 12.71 -21.57 -3.05
C SER C 48 11.39 -21.77 -3.79
N THR C 49 10.78 -22.96 -3.67
CA THR C 49 9.49 -23.22 -4.31
C THR C 49 8.39 -22.32 -3.77
N ALA C 50 8.42 -22.06 -2.46
CA ALA C 50 7.44 -21.19 -1.82
C ALA C 50 7.67 -19.73 -2.19
N ILE C 51 8.95 -19.33 -2.26
CA ILE C 51 9.31 -17.99 -2.70
C ILE C 51 8.82 -17.76 -4.14
N ARG C 52 9.03 -18.73 -5.02
CA ARG C 52 8.57 -18.55 -6.40
C ARG C 52 7.05 -18.58 -6.50
N GLU C 53 6.39 -19.55 -5.87
CA GLU C 53 4.93 -19.63 -5.90
C GLU C 53 4.27 -18.33 -5.45
N ILE C 54 4.67 -17.84 -4.28
CA ILE C 54 4.09 -16.62 -3.72
C ILE C 54 4.39 -15.37 -4.58
N SER C 55 5.67 -15.15 -4.92
CA SER C 55 6.08 -13.97 -5.68
C SER C 55 5.40 -13.91 -7.03
N LEU C 56 5.27 -15.05 -7.70
CA LEU C 56 4.67 -15.09 -9.04
C LEU C 56 3.15 -14.99 -9.00
N LEU C 57 2.52 -15.61 -8.01
CA LEU C 57 1.06 -15.52 -7.84
C LEU C 57 0.55 -14.13 -7.40
N LYS C 58 1.40 -13.36 -6.70
CA LYS C 58 1.13 -11.94 -6.39
C LYS C 58 0.85 -11.09 -7.64
N GLU C 59 1.49 -11.44 -8.75
CA GLU C 59 1.40 -10.71 -10.02
C GLU C 59 0.29 -11.20 -10.95
N LEU C 60 0.01 -12.50 -10.87
CA LEU C 60 -0.93 -13.17 -11.75
C LEU C 60 -2.33 -13.17 -11.20
N ASN C 61 -3.08 -12.11 -11.49
CA ASN C 61 -4.50 -12.05 -11.20
C ASN C 61 -5.33 -12.20 -12.45
N HIS C 62 -6.02 -13.34 -12.53
CA HIS C 62 -6.78 -13.74 -13.71
C HIS C 62 -7.83 -14.76 -13.26
N PRO C 63 -9.05 -14.70 -13.84
CA PRO C 63 -10.15 -15.63 -13.57
C PRO C 63 -9.79 -17.13 -13.63
N ASN C 64 -8.81 -17.49 -14.45
CA ASN C 64 -8.44 -18.88 -14.64
C ASN C 64 -7.08 -19.24 -14.01
N ILE C 65 -6.73 -18.50 -12.98
CA ILE C 65 -5.52 -18.72 -12.20
C ILE C 65 -5.92 -18.70 -10.75
N VAL C 66 -5.59 -19.74 -10.02
CA VAL C 66 -5.94 -19.80 -8.63
C VAL C 66 -5.55 -18.49 -7.89
N LYS C 67 -6.48 -17.91 -7.19
CA LYS C 67 -6.24 -16.71 -6.48
C LYS C 67 -5.63 -16.89 -5.10
N LEU C 68 -4.48 -16.29 -4.89
CA LEU C 68 -3.82 -16.24 -3.60
C LEU C 68 -4.43 -15.08 -2.80
N LEU C 69 -5.06 -15.39 -1.67
CA LEU C 69 -5.82 -14.41 -0.91
C LEU C 69 -4.99 -13.73 0.15
N ASP C 70 -4.11 -14.50 0.80
CA ASP C 70 -3.30 -13.99 1.89
C ASP C 70 -2.07 -14.88 2.09
N VAL C 71 -1.08 -14.35 2.80
CA VAL C 71 0.05 -15.12 3.28
C VAL C 71 0.19 -14.81 4.75
N ILE C 72 0.10 -15.83 5.59
CA ILE C 72 0.13 -15.65 7.03
C ILE C 72 1.46 -16.19 7.51
N HIS C 73 2.25 -15.29 8.11
CA HIS C 73 3.58 -15.59 8.60
C HIS C 73 3.54 -15.98 10.07
N THR C 74 4.36 -16.96 10.41
CA THR C 74 4.71 -17.16 11.80
C THR C 74 6.23 -17.26 11.79
N GLU C 75 6.81 -17.46 12.97
CA GLU C 75 8.23 -17.68 13.08
C GLU C 75 8.64 -19.01 12.39
N ASN C 76 7.76 -20.01 12.45
CA ASN C 76 8.07 -21.38 11.96
C ASN C 76 7.23 -21.94 10.79
N LYS C 77 6.11 -21.29 10.47
CA LYS C 77 5.24 -21.75 9.38
C LYS C 77 4.76 -20.60 8.50
N LEU C 78 4.59 -20.90 7.22
CA LEU C 78 3.93 -20.00 6.28
C LEU C 78 2.62 -20.69 5.85
N TYR C 79 1.49 -19.98 5.95
CA TYR C 79 0.23 -20.45 5.37
C TYR C 79 -0.19 -19.59 4.18
N LEU C 80 -0.33 -20.21 3.02
CA LEU C 80 -0.88 -19.54 1.86
C LEU C 80 -2.38 -19.82 1.86
N VAL C 81 -3.17 -18.76 1.77
CA VAL C 81 -4.62 -18.84 1.79
C VAL C 81 -5.05 -18.66 0.36
N PHE C 82 -5.70 -19.69 -0.19
CA PHE C 82 -6.20 -19.69 -1.56
C PHE C 82 -7.72 -19.75 -1.58
N GLU C 83 -8.34 -19.21 -2.63
CA GLU C 83 -9.75 -19.50 -2.91
C GLU C 83 -9.89 -21.04 -2.95
N PHE C 84 -10.98 -21.55 -2.36
CA PHE C 84 -11.25 -22.98 -2.40
C PHE C 84 -11.91 -23.40 -3.71
N LEU C 85 -11.36 -24.41 -4.36
CA LEU C 85 -12.02 -24.98 -5.55
C LEU C 85 -12.39 -26.44 -5.31
N HIS C 86 -13.55 -26.83 -5.81
CA HIS C 86 -14.20 -28.11 -5.50
C HIS C 86 -13.30 -29.36 -5.64
N GLN C 87 -12.68 -29.53 -6.80
CA GLN C 87 -11.77 -30.67 -7.02
C GLN C 87 -10.82 -30.44 -8.20
N ASP C 88 -9.89 -31.38 -8.38
CA ASP C 88 -8.94 -31.32 -9.48
C ASP C 88 -9.48 -32.09 -10.70
N LEU C 89 -8.92 -31.77 -11.86
CA LEU C 89 -9.38 -32.30 -13.13
C LEU C 89 -9.17 -33.80 -13.23
N LYS C 90 -8.11 -34.31 -12.60
CA LYS C 90 -7.86 -35.76 -12.58
C LYS C 90 -9.01 -36.51 -11.89
N LYS C 91 -9.47 -36.00 -10.74
CA LYS C 91 -10.56 -36.67 -10.03
C LYS C 91 -11.86 -36.57 -10.81
N PHE C 92 -12.06 -35.45 -11.50
CA PHE C 92 -13.23 -35.26 -12.35
C PHE C 92 -13.23 -36.24 -13.52
N MET C 93 -12.08 -36.39 -14.17
CA MET C 93 -11.94 -37.33 -15.28
C MET C 93 -12.16 -38.76 -14.81
N ASP C 94 -11.58 -39.13 -13.68
CA ASP C 94 -11.78 -40.46 -13.11
C ASP C 94 -13.27 -40.71 -12.80
N ALA C 95 -13.96 -39.72 -12.24
CA ALA C 95 -15.40 -39.79 -11.98
C ALA C 95 -16.22 -39.88 -13.28
N SER C 96 -15.66 -39.39 -14.38
CA SER C 96 -16.32 -39.45 -15.69
C SER C 96 -15.82 -40.63 -16.56
N ALA C 97 -15.02 -41.52 -16.00
CA ALA C 97 -14.42 -42.62 -16.80
C ALA C 97 -15.48 -43.32 -17.67
N LEU C 98 -16.65 -43.58 -17.08
CA LEU C 98 -17.73 -44.29 -17.77
C LEU C 98 -18.69 -43.37 -18.55
N THR C 99 -19.17 -42.28 -17.93
CA THR C 99 -20.11 -41.35 -18.57
C THR C 99 -19.48 -40.58 -19.72
N GLY C 100 -18.19 -40.28 -19.58
CA GLY C 100 -17.53 -39.36 -20.49
C GLY C 100 -17.79 -37.91 -20.09
N ILE C 101 -17.10 -37.00 -20.77
CA ILE C 101 -17.25 -35.57 -20.55
C ILE C 101 -17.87 -34.95 -21.80
N PRO C 102 -19.01 -34.27 -21.65
CA PRO C 102 -19.61 -33.60 -22.79
C PRO C 102 -18.60 -32.66 -23.47
N LEU C 103 -18.56 -32.70 -24.81
CA LEU C 103 -17.62 -31.87 -25.59
C LEU C 103 -17.73 -30.37 -25.31
N PRO C 104 -18.96 -29.82 -25.15
CA PRO C 104 -19.07 -28.44 -24.71
C PRO C 104 -18.25 -28.08 -23.46
N LEU C 105 -18.16 -29.01 -22.51
CA LEU C 105 -17.40 -28.79 -21.27
C LEU C 105 -15.89 -28.92 -21.48
N ILE C 106 -15.48 -29.96 -22.22
CA ILE C 106 -14.08 -30.10 -22.66
C ILE C 106 -13.62 -28.81 -23.35
N LYS C 107 -14.42 -28.34 -24.31
CA LYS C 107 -14.07 -27.17 -25.09
C LYS C 107 -13.93 -25.94 -24.21
N SER C 108 -14.88 -25.78 -23.28
CA SER C 108 -14.89 -24.68 -22.32
C SER C 108 -13.66 -24.73 -21.40
N TYR C 109 -13.36 -25.93 -20.89
CA TYR C 109 -12.22 -26.12 -20.01
C TYR C 109 -10.91 -25.79 -20.72
N LEU C 110 -10.75 -26.30 -21.93
CA LEU C 110 -9.54 -26.04 -22.71
C LEU C 110 -9.38 -24.55 -23.03
N PHE C 111 -10.48 -23.91 -23.39
CA PHE C 111 -10.53 -22.47 -23.65
C PHE C 111 -10.05 -21.66 -22.43
N GLN C 112 -10.57 -21.99 -21.26
CA GLN C 112 -10.22 -21.32 -20.02
C GLN C 112 -8.77 -21.62 -19.62
N LEU C 113 -8.34 -22.88 -19.81
CA LEU C 113 -6.94 -23.27 -19.54
C LEU C 113 -5.95 -22.44 -20.36
N LEU C 114 -6.29 -22.23 -21.63
CA LEU C 114 -5.47 -21.45 -22.56
C LEU C 114 -5.44 -19.95 -22.26
N GLN C 115 -6.54 -19.42 -21.71
CA GLN C 115 -6.61 -18.01 -21.32
C GLN C 115 -5.72 -17.75 -20.12
N GLY C 116 -5.82 -18.64 -19.13
CA GLY C 116 -4.95 -18.59 -17.96
C GLY C 116 -3.49 -18.73 -18.34
N LEU C 117 -3.19 -19.69 -19.23
CA LEU C 117 -1.82 -19.90 -19.71
C LEU C 117 -1.26 -18.70 -20.50
N ALA C 118 -2.03 -18.17 -21.45
CA ALA C 118 -1.62 -16.99 -22.22
C ALA C 118 -1.32 -15.79 -21.31
N PHE C 119 -2.13 -15.66 -20.26
CA PHE C 119 -1.88 -14.67 -19.24
C PHE C 119 -0.53 -14.90 -18.58
N CYS C 120 -0.24 -16.15 -18.19
CA CYS C 120 1.07 -16.51 -17.63
C CYS C 120 2.21 -16.09 -18.53
N HIS C 121 2.17 -16.59 -19.77
CA HIS C 121 3.21 -16.31 -20.76
C HIS C 121 3.35 -14.81 -21.08
N SER C 122 2.21 -14.10 -21.14
CA SER C 122 2.19 -12.63 -21.31
C SER C 122 2.87 -11.92 -20.16
N HIS C 123 2.94 -12.62 -19.02
CA HIS C 123 3.55 -12.05 -17.83
C HIS C 123 4.85 -12.72 -17.45
N ARG C 124 5.56 -13.20 -18.47
CA ARG C 124 6.86 -13.88 -18.37
C ARG C 124 6.97 -14.98 -17.27
N VAL C 125 5.91 -15.77 -17.12
CA VAL C 125 5.92 -16.92 -16.17
C VAL C 125 5.66 -18.22 -16.93
N LEU C 126 6.55 -19.19 -16.75
CA LEU C 126 6.33 -20.58 -17.20
C LEU C 126 5.76 -21.37 -16.04
N HIS C 127 4.72 -22.16 -16.28
CA HIS C 127 4.15 -22.97 -15.21
C HIS C 127 5.00 -24.21 -14.94
N ARG C 128 5.26 -24.98 -16.00
CA ARG C 128 6.16 -26.14 -16.00
C ARG C 128 5.67 -27.37 -15.18
N ASP C 129 4.41 -27.37 -14.76
CA ASP C 129 3.84 -28.58 -14.12
C ASP C 129 2.33 -28.67 -14.36
N LEU C 130 1.92 -28.50 -15.60
CA LEU C 130 0.51 -28.60 -15.95
C LEU C 130 0.11 -30.06 -16.14
N LYS C 131 -0.17 -30.74 -15.04
CA LYS C 131 -0.78 -32.05 -15.05
C LYS C 131 -2.22 -31.84 -14.54
N PRO C 132 -3.13 -32.83 -14.78
CA PRO C 132 -4.54 -32.66 -14.41
C PRO C 132 -4.76 -32.41 -12.92
N GLN C 133 -3.89 -32.91 -12.05
CA GLN C 133 -4.10 -32.68 -10.62
C GLN C 133 -3.77 -31.24 -10.16
N ASN C 134 -3.10 -30.47 -11.02
CA ASN C 134 -2.86 -29.03 -10.76
C ASN C 134 -3.87 -28.10 -11.43
N LEU C 135 -4.91 -28.69 -12.00
CA LEU C 135 -5.96 -27.93 -12.66
C LEU C 135 -7.23 -28.13 -11.87
N LEU C 136 -7.73 -27.04 -11.30
CA LEU C 136 -8.82 -27.12 -10.35
C LEU C 136 -10.11 -26.51 -10.88
N ILE C 137 -11.22 -27.22 -10.63
CA ILE C 137 -12.53 -26.85 -11.15
C ILE C 137 -13.45 -26.46 -10.01
N ASN C 138 -14.40 -25.56 -10.27
CA ASN C 138 -15.48 -25.30 -9.32
C ASN C 138 -16.82 -25.87 -9.81
N THR C 139 -17.87 -25.66 -9.00
CA THR C 139 -19.21 -26.19 -9.27
C THR C 139 -19.97 -25.44 -10.37
N GLU C 140 -19.42 -24.32 -10.85
CA GLU C 140 -20.13 -23.53 -11.87
C GLU C 140 -19.40 -23.27 -13.20
N GLY C 141 -18.51 -24.19 -13.56
CA GLY C 141 -17.95 -24.19 -14.91
C GLY C 141 -16.54 -23.66 -15.09
N ALA C 142 -15.97 -23.10 -14.03
CA ALA C 142 -14.61 -22.58 -14.13
C ALA C 142 -13.57 -23.68 -13.94
N ILE C 143 -12.42 -23.48 -14.56
CA ILE C 143 -11.21 -24.26 -14.32
C ILE C 143 -10.04 -23.28 -14.19
N LYS C 144 -9.12 -23.57 -13.26
CA LYS C 144 -8.01 -22.66 -12.94
C LYS C 144 -6.68 -23.38 -12.82
N LEU C 145 -5.60 -22.71 -13.25
CA LEU C 145 -4.24 -23.20 -13.03
C LEU C 145 -3.88 -23.05 -11.57
N ALA C 146 -3.36 -24.12 -10.99
CA ALA C 146 -2.92 -24.08 -9.60
C ALA C 146 -1.51 -24.65 -9.43
N ASP C 147 -1.02 -24.58 -8.21
CA ASP C 147 0.34 -25.02 -7.83
C ASP C 147 1.45 -24.43 -8.69
N PHE C 148 1.89 -23.24 -8.31
CA PHE C 148 2.94 -22.53 -9.01
C PHE C 148 4.32 -22.73 -8.38
N GLY C 149 4.45 -23.77 -7.56
CA GLY C 149 5.72 -24.10 -6.88
C GLY C 149 6.86 -24.45 -7.83
N LEU C 150 6.51 -24.96 -9.00
CA LEU C 150 7.49 -25.30 -10.03
C LEU C 150 7.61 -24.25 -11.14
N ALA C 151 6.89 -23.14 -10.98
CA ALA C 151 6.87 -22.10 -12.01
C ALA C 151 8.17 -21.30 -12.02
N ARG C 152 8.40 -20.55 -13.09
CA ARG C 152 9.47 -19.54 -13.03
C ARG C 152 9.30 -18.34 -13.96
N ALA C 153 9.81 -17.20 -13.47
CA ALA C 153 9.81 -15.95 -14.24
C ALA C 153 10.93 -16.08 -15.24
N PHE C 154 10.59 -15.96 -16.51
CA PHE C 154 11.59 -16.14 -17.53
C PHE C 154 12.05 -14.81 -18.13
N GLY C 155 13.19 -14.85 -18.83
CA GLY C 155 13.69 -13.66 -19.52
C GLY C 155 13.53 -13.83 -21.01
N VAL C 156 13.71 -12.73 -21.74
CA VAL C 156 13.60 -12.74 -23.20
C VAL C 156 14.94 -12.29 -23.79
N PRO C 157 15.63 -13.19 -24.52
CA PRO C 157 15.27 -14.62 -24.71
C PRO C 157 15.60 -15.48 -23.49
N VAL C 158 15.05 -16.69 -23.44
CA VAL C 158 15.25 -17.58 -22.29
C VAL C 158 16.73 -17.94 -22.07
N ARG C 159 17.09 -18.22 -20.82
CA ARG C 159 18.35 -18.91 -20.47
C ARG C 159 18.04 -20.40 -20.31
N THR C 160 19.08 -21.19 -20.04
CA THR C 160 18.90 -22.57 -19.55
C THR C 160 18.28 -22.53 -18.15
N TYR C 161 17.20 -23.27 -17.95
CA TYR C 161 16.57 -23.39 -16.64
C TYR C 161 16.66 -24.83 -16.14
N TPO C 162 16.01 -25.09 -15.03
CA TPO C 162 16.00 -26.41 -14.38
CB TPO C 162 15.20 -26.39 -13.10
CG2 TPO C 162 15.30 -27.73 -12.39
OG1 TPO C 162 15.62 -25.35 -12.25
P TPO C 162 14.84 -24.06 -11.97
O1P TPO C 162 13.63 -24.44 -11.34
O2P TPO C 162 14.66 -23.49 -13.26
O3P TPO C 162 15.68 -23.25 -11.16
C TPO C 162 15.57 -27.47 -15.33
O TPO C 162 14.58 -27.30 -15.99
N HIS C 163 16.31 -28.55 -15.43
CA HIS C 163 15.95 -29.62 -16.33
C HIS C 163 14.87 -30.52 -15.82
N GLU C 164 14.92 -30.86 -14.57
CA GLU C 164 13.89 -31.71 -14.01
C GLU C 164 12.58 -31.49 -14.72
N VAL C 165 11.83 -30.55 -14.19
CA VAL C 165 10.59 -30.04 -14.72
C VAL C 165 9.55 -30.82 -15.48
N VAL C 166 8.35 -30.75 -14.97
CA VAL C 166 7.21 -31.41 -15.56
C VAL C 166 7.20 -32.91 -15.34
N THR C 167 6.12 -33.34 -14.76
CA THR C 167 5.77 -34.74 -14.61
C THR C 167 5.93 -35.45 -15.97
N LEU C 168 6.63 -36.58 -15.94
CA LEU C 168 7.04 -37.31 -17.15
C LEU C 168 5.99 -37.39 -18.27
N TRP C 169 4.76 -37.76 -17.91
CA TRP C 169 3.70 -37.97 -18.90
C TRP C 169 3.37 -36.70 -19.69
N TYR C 170 3.69 -35.55 -19.12
CA TYR C 170 3.32 -34.24 -19.70
C TYR C 170 4.55 -33.47 -20.18
N ARG C 171 5.70 -34.14 -20.17
CA ARG C 171 6.98 -33.55 -20.53
C ARG C 171 7.20 -33.49 -22.03
N ALA C 172 7.52 -32.30 -22.52
CA ALA C 172 7.70 -32.04 -23.96
C ALA C 172 8.97 -32.70 -24.49
N PRO C 173 8.96 -33.11 -25.76
CA PRO C 173 10.14 -33.81 -26.28
C PRO C 173 11.44 -32.99 -26.15
N GLU C 174 11.35 -31.65 -26.19
CA GLU C 174 12.55 -30.81 -26.01
C GLU C 174 13.21 -30.89 -24.62
N ILE C 175 12.43 -31.26 -23.60
CA ILE C 175 12.98 -31.48 -22.24
C ILE C 175 13.53 -32.90 -22.14
N LEU C 176 12.76 -33.86 -22.65
CA LEU C 176 13.15 -35.27 -22.72
C LEU C 176 14.50 -35.47 -23.41
N LEU C 177 14.70 -34.77 -24.52
CA LEU C 177 15.96 -34.84 -25.26
C LEU C 177 17.07 -33.96 -24.66
N GLY C 178 16.72 -33.17 -23.66
CA GLY C 178 17.69 -32.35 -22.93
C GLY C 178 18.27 -31.20 -23.71
N CYS C 179 17.43 -30.48 -24.45
CA CYS C 179 17.85 -29.28 -25.14
C CYS C 179 18.33 -28.23 -24.16
N LYS C 180 19.35 -27.48 -24.57
CA LYS C 180 19.87 -26.35 -23.79
C LYS C 180 18.71 -25.47 -23.34
N TYR C 181 17.85 -25.13 -24.29
CA TYR C 181 16.75 -24.19 -24.05
C TYR C 181 15.38 -24.83 -24.20
N TYR C 182 14.46 -24.38 -23.34
CA TYR C 182 13.03 -24.59 -23.50
C TYR C 182 12.29 -23.29 -23.15
N SER C 183 11.07 -23.18 -23.64
CA SER C 183 10.30 -21.94 -23.53
C SER C 183 8.83 -22.23 -23.32
N THR C 184 7.98 -21.27 -23.70
CA THR C 184 6.54 -21.33 -23.46
C THR C 184 5.90 -22.55 -24.12
N ALA C 185 6.56 -23.07 -25.16
CA ALA C 185 6.11 -24.27 -25.87
C ALA C 185 5.92 -25.51 -24.97
N VAL C 186 6.74 -25.64 -23.92
CA VAL C 186 6.61 -26.78 -23.00
C VAL C 186 5.25 -26.82 -22.29
N ASP C 187 4.70 -25.66 -21.99
CA ASP C 187 3.39 -25.57 -21.33
C ASP C 187 2.25 -25.93 -22.27
N ILE C 188 2.41 -25.54 -23.54
CA ILE C 188 1.45 -25.92 -24.59
C ILE C 188 1.41 -27.44 -24.80
N TRP C 189 2.59 -28.06 -24.84
CA TRP C 189 2.67 -29.51 -24.96
C TRP C 189 1.81 -30.18 -23.88
N SER C 190 2.07 -29.83 -22.61
CA SER C 190 1.33 -30.36 -21.47
C SER C 190 -0.19 -30.20 -21.66
N LEU C 191 -0.62 -29.02 -22.10
CA LEU C 191 -2.03 -28.75 -22.33
C LEU C 191 -2.63 -29.54 -23.48
N GLY C 192 -1.81 -29.84 -24.49
CA GLY C 192 -2.23 -30.71 -25.59
C GLY C 192 -2.47 -32.12 -25.08
N CYS C 193 -1.56 -32.58 -24.21
CA CYS C 193 -1.71 -33.87 -23.54
C CYS C 193 -2.99 -33.90 -22.71
N ILE C 194 -3.23 -32.81 -21.99
CA ILE C 194 -4.45 -32.69 -21.18
C ILE C 194 -5.74 -32.67 -22.03
N PHE C 195 -5.73 -31.91 -23.13
CA PHE C 195 -6.84 -31.88 -24.09
C PHE C 195 -7.25 -33.33 -24.44
N ALA C 196 -6.30 -34.10 -24.99
CA ALA C 196 -6.54 -35.51 -25.38
C ALA C 196 -7.03 -36.36 -24.22
N GLU C 197 -6.45 -36.17 -23.05
CA GLU C 197 -6.86 -36.88 -21.84
C GLU C 197 -8.30 -36.56 -21.40
N MET C 198 -8.76 -35.33 -21.58
CA MET C 198 -10.17 -34.97 -21.30
C MET C 198 -11.15 -35.72 -22.22
N VAL C 199 -10.76 -35.86 -23.48
CA VAL C 199 -11.53 -36.60 -24.49
C VAL C 199 -11.65 -38.10 -24.18
N THR C 200 -10.53 -38.76 -23.82
CA THR C 200 -10.50 -40.20 -23.61
C THR C 200 -10.60 -40.63 -22.14
N ARG C 201 -10.47 -39.66 -21.22
CA ARG C 201 -10.21 -39.91 -19.79
C ARG C 201 -9.02 -40.87 -19.52
N ARG C 202 -8.05 -40.89 -20.43
CA ARG C 202 -6.82 -41.65 -20.21
C ARG C 202 -5.63 -40.79 -20.61
N ALA C 203 -4.54 -40.89 -19.87
CA ALA C 203 -3.30 -40.22 -20.23
C ALA C 203 -2.88 -40.59 -21.66
N LEU C 204 -2.51 -39.58 -22.43
CA LEU C 204 -2.12 -39.77 -23.83
C LEU C 204 -0.80 -40.52 -23.98
N PHE C 205 0.21 -40.11 -23.21
CA PHE C 205 1.51 -40.76 -23.24
C PHE C 205 1.95 -41.22 -21.84
N PRO C 206 1.39 -42.35 -21.36
CA PRO C 206 1.71 -42.84 -20.00
C PRO C 206 3.03 -43.62 -19.90
N GLY C 207 4.15 -42.96 -20.20
CA GLY C 207 5.46 -43.60 -20.18
C GLY C 207 5.87 -44.17 -18.84
N ASP C 208 6.62 -45.26 -18.88
CA ASP C 208 7.14 -45.94 -17.70
C ASP C 208 8.53 -45.44 -17.33
N SER C 209 9.13 -44.74 -18.29
CA SER C 209 10.52 -44.32 -18.24
C SER C 209 10.70 -43.30 -19.35
N GLU C 210 11.84 -42.62 -19.36
CA GLU C 210 12.12 -41.61 -20.39
C GLU C 210 12.17 -42.18 -21.81
N ILE C 211 12.78 -43.36 -21.95
CA ILE C 211 12.84 -44.03 -23.25
C ILE C 211 11.44 -44.50 -23.69
N ASP C 212 10.68 -45.08 -22.76
CA ASP C 212 9.31 -45.48 -23.04
C ASP C 212 8.46 -44.27 -23.45
N GLN C 213 8.67 -43.16 -22.74
CA GLN C 213 8.00 -41.88 -22.99
C GLN C 213 8.24 -41.42 -24.43
N LEU C 214 9.50 -41.34 -24.84
CA LEU C 214 9.87 -40.95 -26.20
C LEU C 214 9.29 -41.88 -27.25
N PHE C 215 9.37 -43.19 -27.02
CA PHE C 215 8.84 -44.17 -27.97
C PHE C 215 7.34 -43.99 -28.15
N ARG C 216 6.62 -43.77 -27.05
CA ARG C 216 5.17 -43.48 -27.09
C ARG C 216 4.81 -42.20 -27.86
N ILE C 217 5.70 -41.21 -27.81
CA ILE C 217 5.52 -39.96 -28.54
C ILE C 217 5.85 -40.19 -30.03
N PHE C 218 6.96 -40.90 -30.27
CA PHE C 218 7.39 -41.23 -31.63
C PHE C 218 6.37 -42.04 -32.41
N ARG C 219 5.80 -43.08 -31.81
CA ARG C 219 4.85 -43.92 -32.53
C ARG C 219 3.51 -43.24 -32.80
N THR C 220 3.02 -42.46 -31.85
CA THR C 220 1.70 -41.83 -31.97
C THR C 220 1.66 -40.73 -33.03
N LEU C 221 2.71 -39.91 -33.09
CA LEU C 221 2.72 -38.71 -33.93
C LEU C 221 3.63 -38.79 -35.16
N GLY C 222 4.45 -39.84 -35.24
CA GLY C 222 5.35 -40.04 -36.38
C GLY C 222 6.81 -40.06 -35.98
N THR C 223 7.43 -41.24 -36.13
CA THR C 223 8.81 -41.50 -35.65
C THR C 223 9.86 -40.67 -36.37
N PHE C 250 -4.27 -39.18 -36.54
CA PHE C 250 -4.67 -38.49 -35.31
C PHE C 250 -6.06 -38.92 -34.83
N SER C 251 -6.92 -39.27 -35.78
CA SER C 251 -8.31 -39.66 -35.51
C SER C 251 -8.44 -41.07 -34.89
N LYS C 252 -7.32 -41.79 -34.87
CA LYS C 252 -7.29 -43.13 -34.31
C LYS C 252 -6.98 -43.11 -32.82
N VAL C 253 -5.99 -42.30 -32.42
CA VAL C 253 -5.58 -42.18 -31.02
C VAL C 253 -6.61 -41.41 -30.18
N VAL C 254 -7.28 -40.45 -30.83
CA VAL C 254 -8.35 -39.68 -30.20
C VAL C 254 -9.63 -39.75 -31.04
N PRO C 255 -10.36 -40.88 -30.98
CA PRO C 255 -11.56 -41.12 -31.81
C PRO C 255 -12.67 -40.06 -31.76
N PRO C 256 -13.18 -39.70 -30.56
CA PRO C 256 -14.39 -38.85 -30.52
C PRO C 256 -14.21 -37.39 -30.99
N LEU C 257 -13.00 -37.03 -31.39
CA LEU C 257 -12.68 -35.62 -31.64
C LEU C 257 -12.90 -35.19 -33.09
N ASP C 258 -13.63 -34.09 -33.26
CA ASP C 258 -13.99 -33.55 -34.57
C ASP C 258 -12.78 -33.01 -35.37
N GLU C 259 -13.03 -32.61 -36.62
CA GLU C 259 -12.00 -32.11 -37.53
C GLU C 259 -11.18 -30.94 -36.96
N ASP C 260 -11.87 -29.98 -36.36
CA ASP C 260 -11.20 -28.79 -35.81
C ASP C 260 -10.42 -29.13 -34.54
N GLY C 261 -11.02 -29.93 -33.66
CA GLY C 261 -10.37 -30.46 -32.46
C GLY C 261 -9.04 -31.14 -32.77
N ARG C 262 -9.09 -32.08 -33.72
CA ARG C 262 -7.90 -32.79 -34.21
C ARG C 262 -6.85 -31.83 -34.77
N SER C 263 -7.28 -30.77 -35.45
CA SER C 263 -6.36 -29.77 -35.99
C SER C 263 -5.64 -28.98 -34.91
N LEU C 264 -6.40 -28.51 -33.92
CA LEU C 264 -5.83 -27.82 -32.77
C LEU C 264 -4.89 -28.74 -32.00
N LEU C 265 -5.36 -29.95 -31.70
CA LEU C 265 -4.55 -30.92 -30.97
C LEU C 265 -3.24 -31.20 -31.69
N SER C 266 -3.30 -31.40 -33.01
CA SER C 266 -2.08 -31.63 -33.80
C SER C 266 -1.09 -30.47 -33.66
N GLN C 267 -1.60 -29.24 -33.51
CA GLN C 267 -0.77 -28.03 -33.42
C GLN C 267 -0.17 -27.81 -32.02
N MET C 268 -0.90 -28.25 -31.00
CA MET C 268 -0.42 -28.21 -29.61
C MET C 268 0.67 -29.27 -29.37
N LEU C 269 0.62 -30.34 -30.17
CA LEU C 269 1.57 -31.43 -30.03
C LEU C 269 2.63 -31.48 -31.13
N HIS C 270 2.97 -30.32 -31.71
CA HIS C 270 3.99 -30.28 -32.75
C HIS C 270 5.35 -30.65 -32.13
N TYR C 271 6.12 -31.48 -32.84
CA TYR C 271 7.48 -31.86 -32.39
C TYR C 271 8.39 -30.65 -32.24
N ASP C 272 8.31 -29.74 -33.21
CA ASP C 272 9.12 -28.54 -33.24
C ASP C 272 8.51 -27.48 -32.31
N PRO C 273 9.24 -27.10 -31.24
CA PRO C 273 8.78 -26.06 -30.31
C PRO C 273 8.61 -24.70 -30.99
N ASN C 274 9.41 -24.42 -32.02
CA ASN C 274 9.27 -23.19 -32.79
C ASN C 274 8.00 -23.16 -33.61
N LYS C 275 7.53 -24.35 -33.99
CA LYS C 275 6.33 -24.50 -34.83
C LYS C 275 5.05 -24.73 -34.02
N ARG C 276 5.19 -25.23 -32.80
CA ARG C 276 4.06 -25.48 -31.90
C ARG C 276 3.23 -24.21 -31.72
N ILE C 277 1.91 -24.39 -31.62
CA ILE C 277 1.01 -23.26 -31.48
C ILE C 277 1.24 -22.55 -30.13
N SER C 278 1.08 -21.23 -30.10
CA SER C 278 1.09 -20.49 -28.83
C SER C 278 -0.30 -20.52 -28.22
N ALA C 279 -0.40 -20.26 -26.92
CA ALA C 279 -1.70 -20.21 -26.25
C ALA C 279 -2.55 -19.09 -26.84
N LYS C 280 -1.89 -17.97 -27.17
CA LYS C 280 -2.55 -16.81 -27.75
C LYS C 280 -3.17 -17.17 -29.10
N ALA C 281 -2.36 -17.77 -29.97
CA ALA C 281 -2.84 -18.20 -31.28
C ALA C 281 -3.90 -19.29 -31.19
N ALA C 282 -3.79 -20.15 -30.16
CA ALA C 282 -4.74 -21.25 -29.98
C ALA C 282 -6.15 -20.78 -29.61
N LEU C 283 -6.24 -19.65 -28.93
CA LEU C 283 -7.54 -19.08 -28.54
C LEU C 283 -8.33 -18.56 -29.75
N ALA C 284 -7.61 -18.25 -30.84
CA ALA C 284 -8.23 -17.81 -32.10
C ALA C 284 -8.65 -18.98 -33.00
N HIS C 285 -8.25 -20.21 -32.66
CA HIS C 285 -8.56 -21.42 -33.44
C HIS C 285 -10.07 -21.65 -33.62
N PRO C 286 -10.51 -22.01 -34.85
CA PRO C 286 -11.94 -22.28 -35.16
C PRO C 286 -12.65 -23.27 -34.24
N PHE C 287 -11.88 -24.12 -33.54
CA PHE C 287 -12.46 -25.03 -32.54
C PHE C 287 -13.28 -24.28 -31.49
N PHE C 288 -12.85 -23.07 -31.14
CA PHE C 288 -13.50 -22.29 -30.07
C PHE C 288 -14.59 -21.32 -30.53
N GLN C 289 -14.90 -21.27 -31.83
CA GLN C 289 -15.96 -20.38 -32.36
C GLN C 289 -17.28 -20.47 -31.58
N ASP C 290 -17.67 -21.70 -31.21
CA ASP C 290 -18.96 -21.93 -30.55
C ASP C 290 -18.85 -22.24 -29.05
N VAL C 291 -17.81 -21.72 -28.40
CA VAL C 291 -17.55 -22.06 -26.98
C VAL C 291 -18.59 -21.43 -26.04
N THR C 292 -19.05 -22.23 -25.08
CA THR C 292 -19.94 -21.79 -24.01
C THR C 292 -19.29 -22.07 -22.65
N LYS C 293 -20.01 -21.83 -21.56
CA LYS C 293 -19.55 -22.19 -20.22
C LYS C 293 -20.57 -23.06 -19.47
N PRO C 294 -20.63 -24.36 -19.81
CA PRO C 294 -21.52 -25.28 -19.10
C PRO C 294 -21.07 -25.60 -17.68
N VAL C 295 -22.01 -26.09 -16.88
CA VAL C 295 -21.73 -26.54 -15.51
C VAL C 295 -21.30 -28.02 -15.56
N PRO C 296 -20.24 -28.38 -14.81
CA PRO C 296 -19.86 -29.79 -14.78
C PRO C 296 -20.90 -30.64 -14.05
N HIS C 297 -21.12 -31.84 -14.56
CA HIS C 297 -22.03 -32.82 -13.95
C HIS C 297 -21.43 -33.33 -12.64
N LEU C 298 -21.62 -32.56 -11.57
CA LEU C 298 -21.03 -32.86 -10.27
C LEU C 298 -22.11 -33.26 -9.26
N SER D 1 12.59 -20.22 -32.83
CA SER D 1 12.62 -18.89 -32.29
C SER D 1 11.61 -18.71 -31.18
N VAL D 2 11.06 -19.82 -30.69
CA VAL D 2 10.10 -19.75 -29.61
C VAL D 2 10.88 -19.25 -28.42
N ASN D 3 12.17 -19.46 -28.43
CA ASN D 3 12.95 -18.95 -27.32
C ASN D 3 12.94 -17.44 -27.14
N GLU D 4 12.34 -16.67 -28.06
CA GLU D 4 12.61 -15.23 -28.03
C GLU D 4 11.60 -14.05 -28.17
N VAL D 5 10.30 -14.12 -27.85
CA VAL D 5 9.42 -15.26 -27.66
C VAL D 5 8.30 -14.67 -28.53
N PRO D 6 8.31 -14.96 -29.84
CA PRO D 6 7.58 -14.17 -30.87
C PRO D 6 6.20 -13.60 -30.45
N ASP D 7 5.34 -14.44 -29.90
CA ASP D 7 3.96 -14.04 -29.57
C ASP D 7 3.81 -13.26 -28.27
N TYR D 8 4.89 -13.07 -27.51
CA TYR D 8 4.75 -12.43 -26.19
C TYR D 8 5.75 -11.32 -25.87
N HIS D 9 6.80 -11.19 -26.68
CA HIS D 9 7.88 -10.24 -26.40
C HIS D 9 7.42 -8.80 -26.16
N GLU D 10 6.41 -8.37 -26.93
CA GLU D 10 5.83 -7.02 -26.82
C GLU D 10 4.99 -6.89 -25.54
N ASP D 11 4.16 -7.91 -25.28
CA ASP D 11 3.34 -7.97 -24.06
C ASP D 11 4.22 -7.93 -22.80
N ILE D 12 5.28 -8.74 -22.81
CA ILE D 12 6.22 -8.84 -21.71
C ILE D 12 6.95 -7.52 -21.47
N HIS D 13 7.46 -6.91 -22.55
CA HIS D 13 8.14 -5.61 -22.46
C HIS D 13 7.25 -4.55 -21.81
N THR D 14 6.01 -4.43 -22.31
CA THR D 14 5.04 -3.50 -21.74
C THR D 14 4.81 -3.78 -20.25
N TYR D 15 4.65 -5.05 -19.90
CA TYR D 15 4.47 -5.47 -18.50
C TYR D 15 5.65 -5.06 -17.61
N LEU D 16 6.86 -5.31 -18.10
CA LEU D 16 8.09 -5.01 -17.37
C LEU D 16 8.23 -3.51 -17.21
N ARG D 17 7.83 -2.76 -18.23
CA ARG D 17 7.91 -1.29 -18.17
C ARG D 17 6.98 -0.76 -17.08
N GLU D 18 5.86 -1.42 -16.91
CA GLU D 18 4.92 -1.11 -15.84
C GLU D 18 5.48 -1.52 -14.46
N MET D 19 6.12 -2.69 -14.39
CA MET D 19 6.57 -3.23 -13.11
C MET D 19 7.79 -2.51 -12.55
N GLU D 20 8.68 -2.06 -13.42
CA GLU D 20 9.88 -1.34 -13.00
C GLU D 20 9.54 -0.06 -12.23
N VAL D 21 8.45 0.59 -12.61
CA VAL D 21 7.93 1.77 -11.92
C VAL D 21 7.45 1.40 -10.51
N LYS D 22 6.75 0.27 -10.42
CA LYS D 22 6.20 -0.22 -9.14
C LYS D 22 7.28 -0.76 -8.20
N CYS D 23 8.35 -1.31 -8.77
CA CYS D 23 9.48 -1.89 -8.01
C CYS D 23 10.63 -0.91 -7.74
N LYS D 24 10.51 0.32 -8.25
CA LYS D 24 11.55 1.34 -8.09
C LYS D 24 11.72 1.73 -6.63
N PRO D 25 12.96 1.66 -6.11
CA PRO D 25 13.24 2.15 -4.76
C PRO D 25 13.06 3.66 -4.65
N LYS D 26 12.96 4.15 -3.42
CA LYS D 26 12.89 5.59 -3.14
C LYS D 26 14.20 6.29 -3.50
N VAL D 27 14.12 7.19 -4.49
CA VAL D 27 15.25 7.96 -5.00
C VAL D 27 16.11 8.62 -3.92
N GLY D 28 15.49 9.16 -2.89
CA GLY D 28 16.27 9.84 -1.86
C GLY D 28 16.33 9.14 -0.51
N TYR D 29 16.51 7.82 -0.51
CA TYR D 29 16.41 7.07 0.74
C TYR D 29 17.60 7.22 1.67
N MET D 30 18.80 7.29 1.11
CA MET D 30 20.02 7.39 1.93
C MET D 30 20.06 8.67 2.79
N LYS D 31 19.35 9.70 2.35
CA LYS D 31 19.26 10.93 3.11
C LYS D 31 18.46 10.75 4.39
N LYS D 32 17.63 9.69 4.44
CA LYS D 32 16.85 9.38 5.63
C LYS D 32 17.38 8.18 6.42
N GLN D 33 18.54 7.66 5.99
CA GLN D 33 19.27 6.66 6.76
C GLN D 33 20.30 7.39 7.64
N PRO D 34 20.08 7.45 8.96
CA PRO D 34 21.02 8.22 9.81
C PRO D 34 22.40 7.59 9.95
N ASP D 35 22.50 6.28 9.77
CA ASP D 35 23.72 5.58 10.12
C ASP D 35 24.55 5.13 8.91
N ILE D 36 23.96 5.11 7.72
CA ILE D 36 24.63 4.61 6.51
C ILE D 36 24.63 5.61 5.35
N THR D 37 25.55 5.40 4.40
CA THR D 37 25.77 6.32 3.30
C THR D 37 25.87 5.59 1.97
N ASN D 38 25.82 6.36 0.89
CA ASN D 38 26.03 5.85 -0.48
C ASN D 38 27.37 5.17 -0.67
N SER D 39 28.41 5.69 0.02
CA SER D 39 29.74 5.08 0.02
C SER D 39 29.74 3.65 0.60
N MET D 40 28.99 3.48 1.70
CA MET D 40 28.85 2.17 2.33
C MET D 40 28.10 1.20 1.43
N ARG D 41 27.08 1.70 0.74
CA ARG D 41 26.28 0.94 -0.20
C ARG D 41 27.14 0.43 -1.36
N ALA D 42 28.02 1.31 -1.86
CA ALA D 42 28.98 0.97 -2.92
C ALA D 42 29.94 -0.16 -2.50
N ILE D 43 30.47 -0.06 -1.29
CA ILE D 43 31.24 -1.16 -0.71
C ILE D 43 30.42 -2.48 -0.71
N LEU D 44 29.17 -2.41 -0.25
CA LEU D 44 28.32 -3.58 -0.20
C LEU D 44 28.07 -4.20 -1.58
N VAL D 45 27.75 -3.37 -2.56
CA VAL D 45 27.40 -3.87 -3.89
C VAL D 45 28.64 -4.47 -4.56
N ASP D 46 29.78 -3.80 -4.39
CA ASP D 46 31.05 -4.32 -4.89
C ASP D 46 31.38 -5.69 -4.28
N TRP D 47 31.10 -5.85 -2.99
CA TRP D 47 31.31 -7.13 -2.33
C TRP D 47 30.40 -8.21 -2.93
N LEU D 48 29.16 -7.84 -3.25
CA LEU D 48 28.21 -8.77 -3.88
C LEU D 48 28.65 -9.20 -5.29
N VAL D 49 29.25 -8.29 -6.05
CA VAL D 49 29.92 -8.66 -7.31
C VAL D 49 30.96 -9.79 -7.08
N GLU D 50 31.85 -9.61 -6.10
CA GLU D 50 32.85 -10.63 -5.75
C GLU D 50 32.18 -11.96 -5.39
N VAL D 51 31.11 -11.86 -4.61
CA VAL D 51 30.35 -13.04 -4.18
C VAL D 51 29.78 -13.77 -5.39
N GLY D 52 29.18 -13.01 -6.31
CA GLY D 52 28.60 -13.58 -7.53
C GLY D 52 29.67 -14.26 -8.37
N GLU D 53 30.88 -13.71 -8.34
CA GLU D 53 32.01 -14.30 -9.06
C GLU D 53 32.53 -15.57 -8.41
N GLU D 54 32.64 -15.56 -7.08
CA GLU D 54 33.10 -16.71 -6.32
C GLU D 54 32.18 -17.93 -6.47
N TYR D 55 30.87 -17.70 -6.49
CA TYR D 55 29.91 -18.80 -6.58
C TYR D 55 29.36 -18.97 -7.99
N LYS D 56 29.95 -18.24 -8.94
CA LYS D 56 29.55 -18.27 -10.35
C LYS D 56 28.04 -18.09 -10.54
N LEU D 57 27.50 -17.05 -9.92
CA LEU D 57 26.07 -16.73 -9.99
C LEU D 57 25.73 -15.96 -11.26
N GLN D 58 24.47 -16.04 -11.69
CA GLN D 58 23.99 -15.26 -12.82
C GLN D 58 24.13 -13.78 -12.50
N ASN D 59 24.41 -12.97 -13.52
CA ASN D 59 24.41 -11.53 -13.35
C ASN D 59 23.02 -11.03 -12.93
N GLU D 60 21.98 -11.67 -13.46
CA GLU D 60 20.60 -11.33 -13.12
C GLU D 60 20.40 -11.36 -11.60
N THR D 61 20.96 -12.38 -10.94
CA THR D 61 20.88 -12.59 -9.48
C THR D 61 21.45 -11.40 -8.74
N LEU D 62 22.59 -10.92 -9.22
CA LEU D 62 23.25 -9.75 -8.69
C LEU D 62 22.32 -8.53 -8.77
N HIS D 63 21.74 -8.30 -9.95
CA HIS D 63 20.84 -7.17 -10.19
C HIS D 63 19.62 -7.24 -9.28
N LEU D 64 19.02 -8.42 -9.19
CA LEU D 64 17.90 -8.64 -8.28
C LEU D 64 18.26 -8.31 -6.83
N ALA D 65 19.41 -8.80 -6.39
CA ALA D 65 19.85 -8.58 -5.01
C ALA D 65 19.92 -7.09 -4.70
N VAL D 66 20.45 -6.31 -5.65
CA VAL D 66 20.58 -4.86 -5.47
C VAL D 66 19.20 -4.18 -5.36
N ASN D 67 18.26 -4.60 -6.20
CA ASN D 67 16.90 -4.11 -6.15
C ASN D 67 16.26 -4.37 -4.79
N TYR D 68 16.47 -5.58 -4.24
CA TYR D 68 15.90 -5.96 -2.94
C TYR D 68 16.46 -5.10 -1.83
N ILE D 69 17.79 -4.90 -1.85
CA ILE D 69 18.49 -4.07 -0.86
C ILE D 69 17.93 -2.64 -0.88
N ASP D 70 17.89 -2.04 -2.06
CA ASP D 70 17.45 -0.65 -2.20
C ASP D 70 16.01 -0.45 -1.73
N ARG D 71 15.14 -1.41 -2.05
CA ARG D 71 13.76 -1.37 -1.57
C ARG D 71 13.66 -1.61 -0.07
N PHE D 72 14.49 -2.51 0.46
CA PHE D 72 14.51 -2.75 1.91
C PHE D 72 14.90 -1.47 2.66
N LEU D 73 15.99 -0.85 2.20
CA LEU D 73 16.53 0.36 2.81
C LEU D 73 15.65 1.60 2.57
N SER D 74 14.75 1.52 1.59
CA SER D 74 13.75 2.56 1.36
C SER D 74 12.63 2.56 2.41
N SER D 75 12.46 1.46 3.15
CA SER D 75 11.49 1.48 4.25
C SER D 75 12.03 1.13 5.65
N MET D 76 13.24 0.61 5.75
CA MET D 76 13.78 0.19 7.04
C MET D 76 15.11 0.89 7.32
N SER D 77 15.21 1.54 8.48
CA SER D 77 16.49 2.11 8.93
C SER D 77 17.36 0.96 9.38
N VAL D 78 18.60 0.97 8.89
CA VAL D 78 19.56 -0.09 9.19
C VAL D 78 20.87 0.51 9.69
N LEU D 79 21.34 0.02 10.82
CA LEU D 79 22.62 0.46 11.34
C LEU D 79 23.76 -0.15 10.52
N ARG D 80 24.89 0.55 10.49
CA ARG D 80 26.00 0.19 9.63
C ARG D 80 26.49 -1.26 9.81
N GLY D 81 26.57 -1.71 11.05
CA GLY D 81 27.03 -3.06 11.37
C GLY D 81 26.08 -4.17 10.90
N LYS D 82 24.89 -3.79 10.44
CA LYS D 82 23.88 -4.75 9.95
C LYS D 82 23.67 -4.63 8.45
N LEU D 83 24.32 -3.65 7.82
CA LEU D 83 24.15 -3.44 6.38
C LEU D 83 24.54 -4.68 5.58
N GLN D 84 25.69 -5.26 5.93
CA GLN D 84 26.13 -6.47 5.26
C GLN D 84 25.20 -7.68 5.47
N LEU D 85 24.53 -7.73 6.61
CA LEU D 85 23.54 -8.77 6.88
C LEU D 85 22.33 -8.64 5.95
N VAL D 86 21.87 -7.41 5.75
CA VAL D 86 20.80 -7.15 4.78
C VAL D 86 21.22 -7.64 3.39
N GLY D 87 22.45 -7.32 3.00
CA GLY D 87 23.00 -7.66 1.68
C GLY D 87 23.13 -9.16 1.44
N THR D 88 23.63 -9.85 2.45
CA THR D 88 23.76 -11.30 2.44
C THR D 88 22.40 -12.02 2.28
N ALA D 89 21.40 -11.59 3.06
CA ALA D 89 20.04 -12.13 2.94
C ALA D 89 19.43 -11.83 1.58
N ALA D 90 19.68 -10.63 1.05
CA ALA D 90 19.19 -10.28 -0.30
C ALA D 90 19.79 -11.17 -1.40
N MET D 91 21.10 -11.42 -1.34
CA MET D 91 21.75 -12.29 -2.31
C MET D 91 21.21 -13.72 -2.19
N LEU D 92 20.95 -14.16 -0.95
CA LEU D 92 20.40 -15.46 -0.69
C LEU D 92 19.02 -15.60 -1.36
N LEU D 93 18.17 -14.60 -1.17
CA LEU D 93 16.83 -14.58 -1.74
C LEU D 93 16.85 -14.50 -3.26
N ALA D 94 17.71 -13.63 -3.80
CA ALA D 94 17.87 -13.51 -5.27
C ALA D 94 18.33 -14.85 -5.85
N SER D 95 19.23 -15.55 -5.16
CA SER D 95 19.74 -16.86 -5.60
C SER D 95 18.64 -17.92 -5.59
N LYS D 96 17.84 -17.97 -4.51
CA LYS D 96 16.74 -18.91 -4.44
C LYS D 96 15.72 -18.63 -5.54
N PHE D 97 15.49 -17.35 -5.84
CA PHE D 97 14.56 -16.96 -6.89
C PHE D 97 15.08 -17.36 -8.28
N GLU D 98 16.33 -17.00 -8.56
CA GLU D 98 16.84 -16.99 -9.94
C GLU D 98 17.71 -18.19 -10.32
N GLU D 99 18.47 -18.74 -9.36
CA GLU D 99 19.46 -19.79 -9.65
C GLU D 99 18.85 -21.20 -9.72
N ILE D 100 19.28 -21.98 -10.71
CA ILE D 100 18.95 -23.42 -10.77
C ILE D 100 19.52 -24.11 -9.54
N TYR D 101 20.77 -23.77 -9.20
CA TYR D 101 21.50 -24.36 -8.06
C TYR D 101 22.04 -23.25 -7.15
N PRO D 102 21.19 -22.66 -6.30
CA PRO D 102 21.68 -21.61 -5.42
C PRO D 102 22.72 -22.15 -4.42
N PRO D 103 23.67 -21.30 -4.00
CA PRO D 103 24.52 -21.73 -2.88
C PRO D 103 23.67 -22.03 -1.64
N GLU D 104 24.13 -22.92 -0.78
CA GLU D 104 23.42 -23.19 0.45
CA GLU D 104 23.41 -23.20 0.45
C GLU D 104 23.68 -22.07 1.45
N VAL D 105 22.75 -21.91 2.40
CA VAL D 105 22.85 -20.87 3.42
C VAL D 105 24.23 -20.87 4.11
N ALA D 106 24.73 -22.06 4.48
CA ALA D 106 26.08 -22.18 5.05
C ALA D 106 27.15 -21.46 4.23
N GLU D 107 27.01 -21.48 2.90
CA GLU D 107 27.92 -20.75 2.01
C GLU D 107 27.77 -19.23 2.16
N PHE D 108 26.55 -18.74 2.30
CA PHE D 108 26.33 -17.32 2.54
C PHE D 108 26.83 -16.86 3.92
N VAL D 109 26.81 -17.75 4.90
CA VAL D 109 27.38 -17.44 6.21
C VAL D 109 28.91 -17.38 6.09
N TYR D 110 29.48 -18.33 5.35
CA TYR D 110 30.91 -18.40 5.19
C TYR D 110 31.50 -17.10 4.62
N ILE D 111 30.90 -16.58 3.56
CA ILE D 111 31.39 -15.34 2.92
C ILE D 111 31.26 -14.04 3.73
N THR D 112 30.37 -14.01 4.72
CA THR D 112 30.29 -12.87 5.65
C THR D 112 31.41 -12.88 6.69
N ASP D 113 32.33 -13.85 6.51
CA ASP D 113 33.71 -13.82 7.04
C ASP D 113 33.80 -13.65 8.56
N ASP D 114 32.99 -14.41 9.29
CA ASP D 114 32.90 -14.35 10.76
C ASP D 114 31.75 -13.51 11.33
N THR D 115 31.42 -12.40 10.67
CA THR D 115 30.58 -11.35 11.28
C THR D 115 29.22 -11.82 11.87
N TYR D 116 28.46 -12.60 11.10
CA TYR D 116 27.08 -12.94 11.45
C TYR D 116 26.90 -14.43 11.71
N THR D 117 25.86 -14.79 12.44
CA THR D 117 25.51 -16.21 12.60
C THR D 117 24.58 -16.67 11.48
N LYS D 118 24.41 -17.98 11.38
CA LYS D 118 23.48 -18.57 10.43
C LYS D 118 22.05 -18.18 10.80
N LYS D 119 21.78 -18.15 12.10
CA LYS D 119 20.46 -17.78 12.61
C LYS D 119 20.09 -16.35 12.19
N GLN D 120 21.05 -15.41 12.32
CA GLN D 120 20.86 -14.04 11.86
C GLN D 120 20.54 -13.98 10.36
N VAL D 121 21.27 -14.75 9.55
CA VAL D 121 21.02 -14.76 8.11
C VAL D 121 19.58 -15.23 7.81
N LEU D 122 19.18 -16.34 8.45
CA LEU D 122 17.83 -16.93 8.24
C LEU D 122 16.74 -16.00 8.72
N ARG D 123 16.95 -15.38 9.88
CA ARG D 123 16.00 -14.40 10.36
C ARG D 123 15.91 -13.15 9.49
N MET D 124 17.06 -12.67 8.98
CA MET D 124 17.05 -11.54 8.06
C MET D 124 16.33 -11.89 6.76
N GLU D 125 16.56 -13.10 6.25
CA GLU D 125 15.86 -13.57 5.04
C GLU D 125 14.33 -13.41 5.17
N HIS D 126 13.79 -13.88 6.29
CA HIS D 126 12.36 -13.77 6.57
C HIS D 126 11.92 -12.31 6.71
N LEU D 127 12.72 -11.49 7.39
CA LEU D 127 12.40 -10.07 7.53
C LEU D 127 12.35 -9.36 6.18
N VAL D 128 13.35 -9.60 5.34
CA VAL D 128 13.38 -9.01 4.00
C VAL D 128 12.14 -9.42 3.17
N LEU D 129 11.77 -10.70 3.23
CA LEU D 129 10.56 -11.18 2.56
C LEU D 129 9.30 -10.46 3.03
N LYS D 130 9.14 -10.31 4.34
CA LYS D 130 8.02 -9.58 4.93
C LYS D 130 8.00 -8.11 4.48
N VAL D 131 9.14 -7.42 4.59
CA VAL D 131 9.26 -6.02 4.14
C VAL D 131 8.97 -5.84 2.65
N LEU D 132 9.45 -6.74 1.80
CA LEU D 132 9.17 -6.68 0.36
C LEU D 132 7.81 -7.29 0.00
N ALA D 133 7.13 -7.85 1.01
CA ALA D 133 5.87 -8.58 0.81
C ALA D 133 5.96 -9.67 -0.27
N PHE D 134 7.12 -10.37 -0.31
CA PHE D 134 7.38 -11.45 -1.28
C PHE D 134 7.36 -11.00 -2.74
N ASP D 135 7.45 -9.69 -3.00
CA ASP D 135 7.43 -9.22 -4.38
C ASP D 135 8.87 -9.22 -4.89
N LEU D 136 9.29 -10.35 -5.47
CA LEU D 136 10.70 -10.55 -5.81
C LEU D 136 10.99 -10.58 -7.30
N ALA D 137 9.93 -10.68 -8.10
CA ALA D 137 10.06 -10.67 -9.56
C ALA D 137 10.15 -9.23 -10.09
N ALA D 138 11.24 -8.55 -9.72
CA ALA D 138 11.50 -7.20 -10.19
C ALA D 138 12.22 -7.19 -11.55
N PRO D 139 11.77 -6.32 -12.48
CA PRO D 139 12.53 -6.10 -13.70
C PRO D 139 13.92 -5.53 -13.39
N THR D 140 14.92 -5.98 -14.13
CA THR D 140 16.29 -5.54 -13.94
C THR D 140 16.78 -4.88 -15.21
N ILE D 141 17.90 -4.17 -15.11
CA ILE D 141 18.64 -3.68 -16.27
C ILE D 141 18.93 -4.83 -17.25
N ASN D 142 19.40 -5.96 -16.71
CA ASN D 142 19.66 -7.14 -17.51
C ASN D 142 18.48 -7.63 -18.36
N GLN D 143 17.28 -7.62 -17.79
CA GLN D 143 16.08 -8.10 -18.48
C GLN D 143 15.70 -7.23 -19.70
N PHE D 144 15.97 -5.94 -19.62
CA PHE D 144 15.80 -5.06 -20.79
C PHE D 144 16.96 -5.21 -21.77
N LEU D 145 18.19 -5.33 -21.25
CA LEU D 145 19.37 -5.54 -22.09
C LEU D 145 19.31 -6.76 -23.02
N THR D 146 18.85 -7.91 -22.50
CA THR D 146 18.78 -9.13 -23.32
C THR D 146 17.76 -8.98 -24.45
N GLN D 147 16.69 -8.22 -24.19
CA GLN D 147 15.72 -7.87 -25.23
C GLN D 147 16.30 -6.89 -26.26
N TYR D 148 17.16 -5.96 -25.80
CA TYR D 148 17.79 -4.97 -26.69
C TYR D 148 18.86 -5.61 -27.55
N PHE D 149 19.53 -6.64 -27.00
CA PHE D 149 20.56 -7.40 -27.71
C PHE D 149 20.00 -8.08 -28.97
N LEU D 150 18.71 -8.42 -28.93
CA LEU D 150 18.02 -9.02 -30.08
C LEU D 150 17.87 -8.06 -31.27
N HIS D 151 18.13 -6.78 -31.04
CA HIS D 151 18.05 -5.79 -32.13
C HIS D 151 19.41 -5.53 -32.81
N GLN D 152 20.44 -6.23 -32.34
CA GLN D 152 21.73 -6.27 -33.03
C GLN D 152 21.58 -6.98 -34.36
N GLN D 153 22.36 -6.55 -35.35
CA GLN D 153 22.38 -7.15 -36.67
C GLN D 153 23.74 -6.89 -37.34
N PRO D 154 24.71 -7.83 -37.18
CA PRO D 154 24.59 -9.06 -36.41
C PRO D 154 24.92 -8.86 -34.92
N ALA D 155 24.83 -9.93 -34.14
CA ALA D 155 25.12 -9.88 -32.71
C ALA D 155 26.63 -9.80 -32.43
N ASN D 156 27.02 -8.86 -31.58
CA ASN D 156 28.41 -8.71 -31.17
C ASN D 156 28.61 -9.03 -29.68
N CYS D 157 29.57 -9.90 -29.39
CA CYS D 157 29.85 -10.34 -28.02
C CYS D 157 30.57 -9.30 -27.16
N LYS D 158 31.40 -8.47 -27.79
CA LYS D 158 32.08 -7.38 -27.07
C LYS D 158 31.08 -6.28 -26.71
N VAL D 159 30.16 -5.98 -27.63
CA VAL D 159 29.08 -5.03 -27.37
C VAL D 159 28.17 -5.53 -26.25
N GLU D 160 27.79 -6.82 -26.31
CA GLU D 160 26.97 -7.44 -25.25
C GLU D 160 27.67 -7.39 -23.90
N SER D 161 28.92 -7.84 -23.85
CA SER D 161 29.68 -7.84 -22.59
C SER D 161 29.99 -6.45 -22.03
N LEU D 162 30.29 -5.48 -22.91
CA LEU D 162 30.51 -4.11 -22.48
C LEU D 162 29.23 -3.46 -21.98
N ALA D 163 28.11 -3.74 -22.65
CA ALA D 163 26.81 -3.23 -22.23
C ALA D 163 26.43 -3.78 -20.84
N MET D 164 26.73 -5.06 -20.62
CA MET D 164 26.58 -5.73 -19.31
C MET D 164 27.45 -5.06 -18.26
N PHE D 165 28.71 -4.82 -18.62
CA PHE D 165 29.70 -4.14 -17.78
C PHE D 165 29.24 -2.78 -17.30
N LEU D 166 28.70 -1.98 -18.22
CA LEU D 166 28.30 -0.62 -17.92
C LEU D 166 27.06 -0.59 -17.02
N GLY D 167 26.10 -1.48 -17.31
CA GLY D 167 24.87 -1.62 -16.50
C GLY D 167 25.25 -2.01 -15.10
N GLU D 168 26.24 -2.88 -14.99
CA GLU D 168 26.73 -3.33 -13.70
C GLU D 168 27.41 -2.21 -12.91
N LEU D 169 28.27 -1.41 -13.57
CA LEU D 169 28.87 -0.24 -12.93
C LEU D 169 27.84 0.70 -12.27
N SER D 170 26.67 0.87 -12.91
CA SER D 170 25.61 1.73 -12.39
C SER D 170 25.01 1.25 -11.05
N LEU D 171 25.14 -0.05 -10.77
CA LEU D 171 24.57 -0.63 -9.53
C LEU D 171 25.31 -0.13 -8.30
N ILE D 172 26.56 0.25 -8.50
CA ILE D 172 27.48 0.64 -7.44
C ILE D 172 27.11 1.99 -6.81
N ASP D 173 26.64 2.92 -7.64
CA ASP D 173 26.51 4.32 -7.22
C ASP D 173 25.05 4.77 -7.18
N ALA D 174 24.49 4.82 -5.96
CA ALA D 174 23.10 5.24 -5.74
C ALA D 174 22.86 6.65 -6.28
N ASP D 175 23.83 7.52 -6.08
CA ASP D 175 23.87 8.82 -6.72
C ASP D 175 24.85 8.69 -7.87
N PRO D 176 24.36 8.82 -9.13
CA PRO D 176 23.05 9.26 -9.59
C PRO D 176 22.02 8.19 -9.96
N TYR D 177 22.42 6.92 -10.01
CA TYR D 177 21.64 5.92 -10.76
C TYR D 177 20.29 5.52 -10.18
N LEU D 178 20.05 5.74 -8.89
CA LEU D 178 18.72 5.51 -8.31
C LEU D 178 17.59 6.28 -9.00
N LYS D 179 17.89 7.45 -9.55
CA LYS D 179 16.87 8.25 -10.24
C LYS D 179 16.46 7.74 -11.62
N TYR D 180 17.25 6.85 -12.23
CA TYR D 180 16.93 6.27 -13.53
C TYR D 180 16.36 4.84 -13.39
N LEU D 181 15.37 4.54 -14.22
CA LEU D 181 14.76 3.22 -14.27
C LEU D 181 15.66 2.23 -15.01
N PRO D 182 15.56 0.92 -14.68
CA PRO D 182 16.33 -0.13 -15.36
C PRO D 182 16.36 -0.05 -16.87
N SER D 183 15.20 0.16 -17.49
CA SER D 183 15.09 0.24 -18.95
C SER D 183 15.90 1.40 -19.52
N VAL D 184 15.90 2.52 -18.80
CA VAL D 184 16.67 3.71 -19.20
C VAL D 184 18.18 3.43 -19.09
N ILE D 185 18.64 2.98 -17.92
CA ILE D 185 20.05 2.60 -17.74
C ILE D 185 20.50 1.55 -18.76
N ALA D 186 19.65 0.56 -19.03
CA ALA D 186 19.94 -0.47 -20.02
C ALA D 186 20.11 0.14 -21.42
N ALA D 187 19.23 1.06 -21.77
CA ALA D 187 19.28 1.75 -23.07
C ALA D 187 20.56 2.56 -23.22
N ALA D 188 20.92 3.31 -22.18
CA ALA D 188 22.15 4.11 -22.17
C ALA D 188 23.40 3.25 -22.24
N ALA D 189 23.39 2.09 -21.56
CA ALA D 189 24.52 1.18 -21.59
C ALA D 189 24.68 0.51 -22.94
N PHE D 190 23.55 0.19 -23.57
CA PHE D 190 23.55 -0.47 -24.87
C PHE D 190 23.99 0.46 -26.00
N HIS D 191 23.47 1.69 -26.00
CA HIS D 191 23.96 2.71 -26.94
C HIS D 191 25.44 2.99 -26.73
N LEU D 192 25.84 3.22 -25.48
CA LEU D 192 27.22 3.54 -25.15
C LEU D 192 28.20 2.43 -25.52
N ALA D 193 27.81 1.17 -25.31
CA ALA D 193 28.66 0.02 -25.67
C ALA D 193 28.65 -0.21 -27.18
N LEU D 194 27.54 0.14 -27.82
CA LEU D 194 27.38 0.04 -29.27
C LEU D 194 28.27 1.06 -29.98
N TYR D 195 28.31 2.27 -29.44
CA TYR D 195 29.09 3.37 -29.99
C TYR D 195 30.61 3.17 -29.79
N THR D 196 30.98 2.66 -28.62
CA THR D 196 32.39 2.40 -28.28
C THR D 196 33.06 1.35 -29.19
N VAL D 197 32.35 0.25 -29.46
CA VAL D 197 32.95 -0.89 -30.14
C VAL D 197 32.79 -0.83 -31.66
N THR D 198 31.63 -0.37 -32.13
CA THR D 198 31.31 -0.40 -33.57
C THR D 198 31.03 0.96 -34.19
N GLY D 199 30.96 2.01 -33.38
CA GLY D 199 30.62 3.35 -33.87
C GLY D 199 29.13 3.54 -34.11
N GLN D 200 28.38 2.44 -34.02
CA GLN D 200 26.93 2.42 -34.25
C GLN D 200 26.16 3.17 -33.15
N SER D 201 24.90 3.49 -33.45
CA SER D 201 24.06 4.25 -32.54
C SER D 201 22.86 3.42 -32.09
N TRP D 202 22.23 3.84 -31.00
CA TRP D 202 20.91 3.37 -30.57
C TRP D 202 20.00 3.22 -31.81
N PRO D 203 19.64 1.97 -32.15
CA PRO D 203 18.87 1.68 -33.38
C PRO D 203 17.43 2.17 -33.34
N GLU D 204 16.90 2.50 -34.52
CA GLU D 204 15.55 3.04 -34.68
C GLU D 204 14.46 2.04 -34.29
N SER D 205 14.71 0.75 -34.52
CA SER D 205 13.79 -0.32 -34.12
C SER D 205 13.57 -0.33 -32.59
N LEU D 206 14.58 0.10 -31.84
CA LEU D 206 14.48 0.24 -30.39
C LEU D 206 13.95 1.60 -29.97
N VAL D 207 13.96 2.58 -30.88
CA VAL D 207 13.22 3.82 -30.63
C VAL D 207 11.73 3.50 -30.67
N GLN D 208 11.34 2.63 -31.58
CA GLN D 208 9.95 2.25 -31.75
C GLN D 208 9.41 1.41 -30.60
N LYS D 209 10.18 0.39 -30.20
CA LYS D 209 9.82 -0.49 -29.07
C LYS D 209 9.64 0.26 -27.75
N THR D 210 10.59 1.15 -27.44
CA THR D 210 10.77 1.71 -26.08
C THR D 210 10.24 3.14 -25.91
N GLY D 211 10.24 3.91 -26.99
CA GLY D 211 9.85 5.33 -26.93
C GLY D 211 11.02 6.19 -26.50
N TYR D 212 12.21 5.59 -26.48
CA TYR D 212 13.42 6.25 -26.01
C TYR D 212 14.27 6.69 -27.19
N THR D 213 14.54 7.99 -27.23
CA THR D 213 15.43 8.57 -28.21
C THR D 213 16.71 8.96 -27.48
N LEU D 214 17.73 9.35 -28.22
CA LEU D 214 18.96 9.87 -27.63
C LEU D 214 18.71 11.13 -26.82
N GLU D 215 17.63 11.84 -27.15
CA GLU D 215 17.26 13.05 -26.42
C GLU D 215 16.69 12.71 -25.04
N THR D 216 15.80 11.73 -24.97
CA THR D 216 15.25 11.24 -23.71
C THR D 216 16.35 10.58 -22.88
N LEU D 217 17.24 9.85 -23.56
CA LEU D 217 18.33 9.15 -22.90
C LEU D 217 19.55 10.01 -22.57
N LYS D 218 19.53 11.29 -22.91
CA LYS D 218 20.73 12.11 -22.76
C LYS D 218 21.21 12.24 -21.29
N PRO D 219 20.32 12.63 -20.36
CA PRO D 219 20.82 12.80 -18.97
C PRO D 219 21.52 11.55 -18.39
N CYS D 220 20.94 10.36 -18.63
CA CYS D 220 21.52 9.11 -18.15
C CYS D 220 22.76 8.77 -18.96
N LEU D 221 22.69 9.04 -20.26
CA LEU D 221 23.80 8.79 -21.15
C LEU D 221 25.03 9.59 -20.70
N LEU D 222 24.82 10.83 -20.28
CA LEU D 222 25.91 11.69 -19.78
C LEU D 222 26.51 11.16 -18.48
N ASP D 223 25.65 10.83 -17.51
CA ASP D 223 26.12 10.28 -16.24
C ASP D 223 26.95 9.01 -16.47
N LEU D 224 26.44 8.12 -17.32
CA LEU D 224 27.09 6.84 -17.58
C LEU D 224 28.41 7.01 -18.31
N HIS D 225 28.47 8.00 -19.20
CA HIS D 225 29.72 8.36 -19.87
C HIS D 225 30.80 8.71 -18.85
N GLN D 226 30.44 9.56 -17.88
CA GLN D 226 31.36 10.01 -16.82
C GLN D 226 31.84 8.85 -15.98
N THR D 227 30.88 8.03 -15.56
CA THR D 227 31.14 6.84 -14.74
C THR D 227 32.15 5.94 -15.42
N TYR D 228 31.97 5.73 -16.72
CA TYR D 228 32.84 4.88 -17.53
C TYR D 228 34.23 5.51 -17.67
N LEU D 229 34.28 6.83 -17.84
CA LEU D 229 35.57 7.53 -17.90
C LEU D 229 36.34 7.41 -16.59
N ARG D 230 35.62 7.41 -15.47
CA ARG D 230 36.24 7.47 -14.13
C ARG D 230 36.43 6.12 -13.45
N ALA D 231 36.07 5.05 -14.15
CA ALA D 231 36.04 3.70 -13.56
C ALA D 231 37.38 3.22 -12.98
N PRO D 232 38.51 3.47 -13.69
CA PRO D 232 39.82 3.05 -13.15
C PRO D 232 40.24 3.70 -11.83
N GLN D 233 39.71 4.88 -11.49
CA GLN D 233 40.04 5.49 -10.19
C GLN D 233 38.95 5.37 -9.12
N HIS D 234 37.81 4.79 -9.50
CA HIS D 234 36.76 4.43 -8.55
C HIS D 234 37.34 3.53 -7.45
N ALA D 235 37.00 3.84 -6.20
CA ALA D 235 37.40 3.04 -5.03
C ALA D 235 36.99 1.57 -5.14
N GLN D 236 35.94 1.32 -5.94
CA GLN D 236 35.41 -0.02 -6.11
C GLN D 236 35.79 -0.58 -7.47
N GLN D 237 36.46 -1.73 -7.46
CA GLN D 237 37.14 -2.27 -8.64
C GLN D 237 36.76 -3.71 -9.02
N SER D 238 35.78 -4.29 -8.36
CA SER D 238 35.46 -5.70 -8.60
C SER D 238 34.83 -5.96 -9.96
N ILE D 239 34.01 -5.03 -10.42
CA ILE D 239 33.38 -5.13 -11.74
C ILE D 239 34.41 -5.07 -12.87
N ARG D 240 35.29 -4.07 -12.82
CA ARG D 240 36.40 -3.98 -13.78
C ARG D 240 37.25 -5.25 -13.78
N GLU D 241 37.66 -5.69 -12.59
CA GLU D 241 38.40 -6.94 -12.42
C GLU D 241 37.66 -8.10 -13.05
N LYS D 242 36.37 -8.20 -12.74
CA LYS D 242 35.48 -9.19 -13.34
C LYS D 242 35.48 -9.15 -14.86
N TYR D 243 35.33 -7.95 -15.44
CA TYR D 243 35.18 -7.84 -16.88
C TYR D 243 36.51 -7.81 -17.68
N LYS D 244 37.59 -8.22 -17.03
CA LYS D 244 38.89 -8.46 -17.71
C LYS D 244 38.98 -9.91 -18.17
N ASN D 245 38.27 -10.80 -17.49
CA ASN D 245 38.12 -12.21 -17.86
C ASN D 245 37.75 -12.36 -19.33
N SER D 246 38.30 -13.39 -19.98
CA SER D 246 37.97 -13.72 -21.37
C SER D 246 36.50 -14.14 -21.51
N LYS D 247 35.93 -14.64 -20.42
CA LYS D 247 34.51 -14.94 -20.30
C LYS D 247 33.65 -13.74 -20.72
N TYR D 248 34.09 -12.55 -20.32
CA TYR D 248 33.42 -11.30 -20.70
C TYR D 248 34.25 -10.54 -21.73
N HIS D 249 35.12 -11.27 -22.42
CA HIS D 249 35.85 -10.77 -23.60
C HIS D 249 36.81 -9.62 -23.30
N GLY D 250 37.16 -9.45 -22.03
CA GLY D 250 38.12 -8.44 -21.57
C GLY D 250 37.69 -7.00 -21.78
N VAL D 251 36.38 -6.78 -21.89
CA VAL D 251 35.82 -5.48 -22.27
C VAL D 251 36.14 -4.30 -21.34
N SER D 252 36.45 -4.58 -20.08
CA SER D 252 36.81 -3.49 -19.16
C SER D 252 38.21 -2.95 -19.44
N LEU D 253 38.98 -3.67 -20.26
CA LEU D 253 40.31 -3.23 -20.71
C LEU D 253 40.24 -2.30 -21.92
N LEU D 254 39.06 -2.22 -22.55
CA LEU D 254 38.84 -1.32 -23.67
C LEU D 254 38.90 0.15 -23.25
N ASN D 255 39.07 1.03 -24.24
CA ASN D 255 39.14 2.46 -23.97
C ASN D 255 37.80 3.12 -24.21
N PRO D 256 37.30 3.86 -23.19
CA PRO D 256 36.06 4.62 -23.33
C PRO D 256 36.21 5.70 -24.40
N PRO D 257 35.15 5.96 -25.17
CA PRO D 257 35.24 7.03 -26.17
C PRO D 257 35.54 8.35 -25.49
N GLU D 258 36.45 9.13 -26.08
CA GLU D 258 36.82 10.45 -25.55
C GLU D 258 35.58 11.34 -25.39
N THR D 259 34.72 11.33 -26.41
CA THR D 259 33.51 12.15 -26.46
C THR D 259 32.35 11.37 -27.07
N LEU D 260 31.14 11.81 -26.79
CA LEU D 260 29.92 11.14 -27.26
C LEU D 260 29.49 11.61 -28.64
N ASN D 261 29.51 12.90 -28.85
CA ASN D 261 29.12 13.47 -30.10
C ASN D 261 27.65 13.29 -30.26
N VAL D 262 26.87 13.81 -29.33
CA VAL D 262 25.41 13.70 -29.42
C VAL D 262 24.89 14.74 -30.36
O1 VAR E . 3.44 8.41 23.61
C1 VAR E . 4.34 8.31 22.58
C2 VAR E . 3.89 8.29 21.28
C3 VAR E . 4.80 8.20 20.22
N1 VAR E . 6.14 8.10 20.36
C4 VAR E . 6.69 8.11 21.60
N2 VAR E . 8.00 8.03 21.91
C5 VAR E . 9.07 7.93 21.08
N3 VAR E . 8.92 7.89 19.73
N4 VAR E . 10.31 7.86 21.60
C6 VAR E . 10.50 7.90 22.93
C7 VAR E . 9.41 8.01 23.79
C8 VAR E . 8.14 8.07 23.25
C9 VAR E . 6.78 8.18 23.91
C10 VAR E . 5.81 8.21 22.79
C11 VAR E . 6.46 8.27 25.36
C14 VAR E . 5.13 8.34 25.77
C13 VAR E . 4.85 8.44 27.13
N7 VAR E . 5.86 8.46 28.01
C12 VAR E . 7.15 8.39 27.59
N5 VAR E . 7.45 8.30 26.28
N6 VAR E . 8.16 8.41 28.51
MG MG F . -22.44 -11.25 -6.28
C1 SGM G . -7.13 3.26 1.82
C2 SGM G . -4.98 3.52 2.73
O2 SGM G . -4.99 6.10 3.11
C3 SGM G . -4.90 3.40 0.32
O3 SGM G . -2.68 5.12 0.96
S1 SGM G . -8.19 5.05 3.19
C1 SGM H . -26.80 27.94 5.75
C2 SGM H . -25.92 27.84 8.12
O2 SGM H . -25.04 30.22 7.38
C3 SGM H . -24.00 27.03 6.55
O3 SGM H . -23.69 26.49 9.37
S1 SGM H . -27.76 25.84 6.81
O1 VAR I . -1.43 -26.92 -4.53
C1 VAR I . -2.38 -25.93 -4.56
C2 VAR I . -2.02 -24.64 -4.91
C3 VAR I . -3.00 -23.63 -4.96
N1 VAR I . -4.31 -23.83 -4.67
C4 VAR I . -4.77 -25.06 -4.33
N2 VAR I . -6.05 -25.39 -4.02
C5 VAR I . -7.15 -24.63 -3.98
N3 VAR I . -7.08 -23.32 -4.27
N4 VAR I . -8.34 -25.18 -3.65
C6 VAR I . -8.44 -26.48 -3.35
C7 VAR I . -7.30 -27.28 -3.38
C8 VAR I . -6.08 -26.70 -3.73
C9 VAR I . -4.71 -27.29 -3.85
C10 VAR I . -3.81 -26.18 -4.26
C11 VAR I . -4.40 -28.73 -3.60
C14 VAR I . -3.11 -29.22 -3.52
C13 VAR I . -2.95 -30.59 -3.30
N7 VAR I . -4.04 -31.38 -3.18
C12 VAR I . -5.30 -30.86 -3.29
N5 VAR I . -5.47 -29.54 -3.50
N6 VAR I . -6.42 -31.62 -3.18
MG MG J . 22.49 8.57 5.57
C1 SGM K . 6.69 -5.72 -7.14
C2 SGM K . 5.72 -4.54 -7.08
O2 SGM K . 6.03 -3.71 -5.96
C3 SGM K . 4.31 -5.06 -6.91
O3 SGM K . 3.37 -3.97 -6.98
S1 SGM K . 8.46 -5.27 -7.11
#